data_7TUX
#
_entry.id   7TUX
#
_cell.length_a   105.437
_cell.length_b   111.199
_cell.length_c   173.652
_cell.angle_alpha   90.000
_cell.angle_beta   90.000
_cell.angle_gamma   90.000
#
_symmetry.space_group_name_H-M   'C 2 2 21'
#
loop_
_entity.id
_entity.type
_entity.pdbx_description
1 polymer 'Hypoxanthine-guanine-xanthine phosphoribosyltransferase'
2 non-polymer '[(3S)-3-{[(2-amino-4-hydroxy-5H-pyrrolo[3,2-d]pyrimidin-7-yl)methyl]amino}-4-hydroxybutyl]phosphonic acid'
3 non-polymer 'PYROPHOSPHATE 2-'
4 non-polymer 'MAGNESIUM ION'
5 non-polymer 1,2-ETHANEDIOL
6 non-polymer 'ACETIC ACID'
7 water water
#
_entity_poly.entity_id   1
_entity_poly.type   'polypeptide(L)'
_entity_poly.pdbx_seq_one_letter_code
;MGGSHHHHHHGGLVPRGSHMPIPNNPGAGENAFDPVFVNDDDGYDLDSFMIPAHYKKYLTKVLVPNGVIKNRIEKLAYDI
KKVYNNEEFHILCLLKGSRGFFTALLKHLSRIHNYSAVETSKPLFGEHYVRVKSYCNDQSTGTLEIVSEDLSCLKGKHVL
IVEDIIDTGKTLVKFCEYLKKFEIKTVAIACLFIKRTPLWNGFKADFVGFSIPDHFVVGYSLDYNEIFRDLDHCCLVNDE
GKKKYKATSL
;
_entity_poly.pdbx_strand_id   A,B,C,D
#
# COMPACT_ATOMS: atom_id res chain seq x y z
N MET A 20 -11.31 -28.24 14.56
CA MET A 20 -10.83 -26.97 13.91
C MET A 20 -10.88 -27.12 12.40
N PRO A 21 -11.37 -26.10 11.67
CA PRO A 21 -11.45 -26.16 10.20
C PRO A 21 -10.07 -25.98 9.56
N ILE A 22 -9.94 -26.42 8.30
CA ILE A 22 -8.73 -26.16 7.49
C ILE A 22 -8.62 -24.65 7.30
N PRO A 23 -7.47 -24.03 7.65
CA PRO A 23 -7.29 -22.59 7.47
C PRO A 23 -7.43 -22.18 6.00
N ASN A 24 -8.03 -21.02 5.76
CA ASN A 24 -8.08 -20.46 4.39
C ASN A 24 -8.25 -18.94 4.48
N ASN A 25 -7.38 -18.30 5.25
CA ASN A 25 -7.22 -16.83 5.23
C ASN A 25 -5.73 -16.55 5.36
N PRO A 26 -4.95 -16.80 4.29
CA PRO A 26 -3.48 -16.76 4.37
C PRO A 26 -2.98 -15.37 4.82
N GLY A 27 -2.24 -15.36 5.93
CA GLY A 27 -1.69 -14.14 6.54
C GLY A 27 -2.46 -13.71 7.78
N ALA A 28 -3.67 -14.24 8.00
CA ALA A 28 -4.51 -13.89 9.17
C ALA A 28 -4.18 -14.77 10.38
N GLY A 29 -3.68 -15.98 10.17
CA GLY A 29 -3.46 -16.96 11.26
C GLY A 29 -4.67 -17.02 12.17
N GLU A 30 -5.86 -17.14 11.57
CA GLU A 30 -7.19 -16.89 12.19
C GLU A 30 -7.34 -17.68 13.51
N ASN A 31 -6.92 -18.95 13.52
CA ASN A 31 -7.16 -19.85 14.68
C ASN A 31 -5.83 -20.41 15.22
N ALA A 32 -4.71 -19.75 14.94
CA ALA A 32 -3.36 -20.26 15.25
C ALA A 32 -3.15 -20.33 16.77
N PHE A 33 -2.59 -21.43 17.26
CA PHE A 33 -2.10 -21.56 18.65
C PHE A 33 -0.82 -20.73 18.77
N ASP A 34 -0.59 -20.19 19.96
CA ASP A 34 0.63 -19.40 20.30
C ASP A 34 1.85 -20.28 20.11
N PRO A 35 2.95 -19.73 19.55
CA PRO A 35 4.19 -20.49 19.46
C PRO A 35 4.92 -20.54 20.80
N VAL A 36 5.94 -21.39 20.90
CA VAL A 36 6.93 -21.33 22.01
C VAL A 36 7.57 -19.94 21.98
N PHE A 37 7.50 -19.21 23.08
CA PHE A 37 8.03 -17.83 23.17
C PHE A 37 9.48 -17.90 23.65
N VAL A 38 10.42 -17.55 22.77
CA VAL A 38 11.87 -17.47 23.10
C VAL A 38 12.15 -16.05 23.54
N ASN A 39 12.49 -15.86 24.81
CA ASN A 39 12.71 -14.52 25.42
C ASN A 39 13.98 -13.90 24.84
N ASP A 40 14.07 -12.56 24.93
CA ASP A 40 15.21 -11.76 24.41
C ASP A 40 16.53 -12.31 24.98
N ASP A 41 16.56 -12.77 26.23
CA ASP A 41 17.80 -13.19 26.94
C ASP A 41 17.94 -14.72 26.94
N ASP A 42 17.05 -15.46 26.27
CA ASP A 42 17.09 -16.94 26.26
C ASP A 42 18.29 -17.42 25.44
N GLY A 43 18.78 -18.62 25.71
CA GLY A 43 19.84 -19.25 24.92
C GLY A 43 20.90 -19.92 25.78
N TYR A 44 21.96 -20.38 25.13
CA TYR A 44 22.97 -21.28 25.72
C TYR A 44 24.35 -20.87 25.20
N ASP A 45 25.38 -21.02 26.03
CA ASP A 45 26.73 -20.67 25.55
C ASP A 45 27.17 -21.76 24.57
N LEU A 46 28.22 -21.46 23.80
CA LEU A 46 28.64 -22.29 22.65
C LEU A 46 29.27 -23.61 23.15
N ASP A 47 29.70 -23.68 24.41
CA ASP A 47 30.31 -24.91 24.98
C ASP A 47 29.23 -25.89 25.46
N SER A 48 27.96 -25.51 25.50
CA SER A 48 26.84 -26.35 26.02
C SER A 48 26.62 -27.58 25.12
N PHE A 49 26.75 -27.39 23.81
CA PHE A 49 26.36 -28.39 22.79
C PHE A 49 27.48 -28.56 21.78
N MET A 50 27.34 -29.55 20.91
CA MET A 50 28.26 -29.76 19.77
C MET A 50 28.05 -28.63 18.75
N ILE A 51 29.12 -27.93 18.41
CA ILE A 51 29.14 -26.86 17.37
C ILE A 51 30.32 -27.17 16.46
N PRO A 52 30.17 -27.12 15.11
CA PRO A 52 31.32 -27.31 14.22
C PRO A 52 32.40 -26.27 14.59
N ALA A 53 33.63 -26.75 14.80
CA ALA A 53 34.73 -25.96 15.41
C ALA A 53 34.90 -24.62 14.68
N HIS A 54 34.88 -24.63 13.35
CA HIS A 54 35.16 -23.45 12.48
C HIS A 54 34.02 -22.43 12.54
N TYR A 55 32.82 -22.80 12.99
CA TYR A 55 31.69 -21.85 13.09
C TYR A 55 31.73 -21.09 14.42
N LYS A 56 32.35 -21.65 15.46
CA LYS A 56 32.24 -21.10 16.84
C LYS A 56 32.61 -19.62 16.89
N LYS A 57 33.68 -19.20 16.21
CA LYS A 57 34.20 -17.80 16.28
C LYS A 57 33.21 -16.81 15.63
N TYR A 58 32.22 -17.31 14.88
CA TYR A 58 31.25 -16.47 14.11
C TYR A 58 29.87 -16.49 14.77
N LEU A 59 29.73 -17.13 15.93
CA LEU A 59 28.42 -17.23 16.64
C LEU A 59 28.53 -16.53 18.00
N THR A 60 27.46 -15.86 18.40
CA THR A 60 27.30 -15.26 19.75
C THR A 60 26.88 -16.34 20.75
N LYS A 61 25.86 -17.13 20.41
CA LYS A 61 25.26 -18.12 21.33
C LYS A 61 24.35 -19.05 20.53
N VAL A 62 23.92 -20.13 21.17
CA VAL A 62 22.81 -20.99 20.67
C VAL A 62 21.52 -20.36 21.16
N LEU A 63 20.55 -20.11 20.28
CA LEU A 63 19.24 -19.58 20.68
C LEU A 63 18.31 -20.77 20.99
N VAL A 64 18.16 -21.68 20.03
CA VAL A 64 17.28 -22.88 20.16
C VAL A 64 18.07 -24.09 19.70
N PRO A 65 18.37 -25.06 20.60
CA PRO A 65 19.08 -26.27 20.21
C PRO A 65 18.28 -27.13 19.21
N ASN A 66 19.01 -27.88 18.38
CA ASN A 66 18.47 -28.84 17.38
C ASN A 66 17.36 -29.69 17.99
N GLY A 67 17.59 -30.25 19.17
CA GLY A 67 16.62 -31.18 19.79
C GLY A 67 15.30 -30.50 20.13
N VAL A 68 15.31 -29.25 20.61
CA VAL A 68 14.07 -28.48 20.95
C VAL A 68 13.32 -28.21 19.64
N ILE A 69 14.06 -27.88 18.59
CA ILE A 69 13.46 -27.64 17.24
C ILE A 69 12.73 -28.92 16.81
N LYS A 70 13.41 -30.07 16.84
CA LYS A 70 12.82 -31.37 16.43
C LYS A 70 11.58 -31.66 17.28
N ASN A 71 11.67 -31.51 18.61
CA ASN A 71 10.54 -31.79 19.52
C ASN A 71 9.36 -30.87 19.18
N ARG A 72 9.63 -29.61 18.88
CA ARG A 72 8.54 -28.65 18.55
C ARG A 72 7.90 -29.05 17.22
N ILE A 73 8.70 -29.46 16.23
CA ILE A 73 8.16 -29.82 14.88
C ILE A 73 7.28 -31.06 15.01
N GLU A 74 7.65 -32.02 15.88
CA GLU A 74 6.79 -33.21 16.12
C GLU A 74 5.42 -32.73 16.60
N LYS A 75 5.37 -31.76 17.51
CA LYS A 75 4.10 -31.24 18.04
C LYS A 75 3.35 -30.48 16.94
N LEU A 76 4.04 -29.71 16.10
CA LEU A 76 3.38 -29.03 14.95
C LEU A 76 2.74 -30.08 14.02
N ALA A 77 3.42 -31.20 13.75
CA ALA A 77 2.89 -32.27 12.90
C ALA A 77 1.59 -32.79 13.53
N TYR A 78 1.58 -33.01 14.84
CA TYR A 78 0.37 -33.43 15.59
C TYR A 78 -0.75 -32.40 15.39
N ASP A 79 -0.44 -31.11 15.57
CA ASP A 79 -1.42 -30.01 15.42
C ASP A 79 -2.00 -30.02 13.99
N ILE A 80 -1.16 -30.22 12.97
CA ILE A 80 -1.57 -30.25 11.54
C ILE A 80 -2.47 -31.48 11.31
N LYS A 81 -2.08 -32.65 11.81
CA LYS A 81 -2.89 -33.89 11.68
C LYS A 81 -4.27 -33.68 12.33
N LYS A 82 -4.32 -33.00 13.48
CA LYS A 82 -5.59 -32.75 14.22
C LYS A 82 -6.54 -31.90 13.36
N VAL A 83 -5.99 -30.98 12.56
CA VAL A 83 -6.80 -30.05 11.72
C VAL A 83 -7.26 -30.78 10.45
N TYR A 84 -6.34 -31.41 9.71
CA TYR A 84 -6.64 -32.00 8.37
C TYR A 84 -7.35 -33.34 8.52
N ASN A 85 -7.11 -34.04 9.65
CA ASN A 85 -7.55 -35.43 9.89
C ASN A 85 -7.14 -36.29 8.69
N ASN A 86 -8.07 -36.79 7.86
CA ASN A 86 -7.74 -37.67 6.71
C ASN A 86 -7.97 -36.95 5.38
N GLU A 87 -8.23 -35.64 5.40
CA GLU A 87 -8.46 -34.84 4.17
C GLU A 87 -7.13 -34.67 3.43
N GLU A 88 -7.10 -35.06 2.15
CA GLU A 88 -5.93 -34.91 1.24
C GLU A 88 -5.46 -33.45 1.26
N PHE A 89 -4.17 -33.21 1.46
CA PHE A 89 -3.56 -31.87 1.28
C PHE A 89 -2.19 -32.02 0.63
N HIS A 90 -1.64 -30.88 0.22
CA HIS A 90 -0.41 -30.80 -0.60
C HIS A 90 0.57 -29.85 0.09
N ILE A 91 1.70 -30.40 0.50
CA ILE A 91 2.72 -29.66 1.28
C ILE A 91 3.69 -29.04 0.29
N LEU A 92 3.90 -27.73 0.41
N LEU A 92 3.91 -27.73 0.41
CA LEU A 92 4.73 -26.93 -0.52
CA LEU A 92 4.73 -26.93 -0.52
C LEU A 92 5.94 -26.39 0.27
C LEU A 92 5.94 -26.39 0.27
N CYS A 93 7.11 -26.95 0.00
CA CYS A 93 8.41 -26.58 0.61
C CYS A 93 8.98 -25.35 -0.09
N LEU A 94 9.20 -24.26 0.65
N LEU A 94 9.20 -24.26 0.65
CA LEU A 94 9.88 -23.05 0.15
CA LEU A 94 9.88 -23.05 0.15
C LEU A 94 11.40 -23.22 0.32
C LEU A 94 11.40 -23.23 0.32
N LEU A 95 12.07 -23.73 -0.72
CA LEU A 95 13.54 -23.94 -0.72
C LEU A 95 14.24 -22.58 -0.75
N LYS A 96 15.45 -22.48 -0.19
CA LYS A 96 16.20 -23.59 0.38
C LYS A 96 16.06 -23.66 1.91
N GLY A 97 15.69 -22.57 2.57
CA GLY A 97 15.77 -22.44 4.04
C GLY A 97 14.84 -23.38 4.80
N SER A 98 13.75 -23.83 4.16
N SER A 98 13.75 -23.83 4.16
CA SER A 98 12.71 -24.68 4.80
CA SER A 98 12.71 -24.67 4.80
C SER A 98 13.11 -26.16 4.79
C SER A 98 13.11 -26.16 4.79
N ARG A 99 14.27 -26.52 4.23
CA ARG A 99 14.64 -27.95 3.99
C ARG A 99 14.53 -28.77 5.28
N GLY A 100 15.21 -28.37 6.35
CA GLY A 100 15.20 -29.08 7.64
C GLY A 100 13.80 -29.19 8.21
N PHE A 101 13.08 -28.09 8.23
CA PHE A 101 11.71 -28.01 8.80
C PHE A 101 10.79 -28.97 8.02
N PHE A 102 10.81 -28.87 6.70
CA PHE A 102 9.98 -29.69 5.79
C PHE A 102 10.29 -31.17 6.02
N THR A 103 11.58 -31.52 6.07
CA THR A 103 12.02 -32.93 6.28
C THR A 103 11.39 -33.48 7.56
N ALA A 104 11.51 -32.74 8.66
CA ALA A 104 11.04 -33.18 9.99
C ALA A 104 9.50 -33.26 9.98
N LEU A 105 8.82 -32.31 9.35
N LEU A 105 8.82 -32.31 9.35
CA LEU A 105 7.34 -32.32 9.24
CA LEU A 105 7.34 -32.32 9.24
C LEU A 105 6.89 -33.57 8.48
C LEU A 105 6.89 -33.57 8.48
N LEU A 106 7.52 -33.86 7.34
CA LEU A 106 7.19 -35.06 6.52
C LEU A 106 7.36 -36.32 7.37
N LYS A 107 8.48 -36.42 8.10
CA LYS A 107 8.79 -37.59 8.94
C LYS A 107 7.65 -37.80 9.95
N HIS A 108 7.32 -36.76 10.72
CA HIS A 108 6.37 -36.87 11.85
C HIS A 108 4.93 -36.99 11.33
N LEU A 109 4.54 -36.24 10.29
CA LEU A 109 3.19 -36.36 9.69
C LEU A 109 2.99 -37.79 9.16
N SER A 110 3.99 -38.33 8.46
CA SER A 110 3.92 -39.68 7.86
C SER A 110 3.77 -40.72 8.97
N ARG A 111 4.56 -40.61 10.04
CA ARG A 111 4.54 -41.58 11.16
C ARG A 111 3.17 -41.50 11.84
N ILE A 112 2.70 -40.30 12.17
CA ILE A 112 1.41 -40.11 12.88
C ILE A 112 0.29 -40.69 12.01
N HIS A 113 0.27 -40.37 10.71
CA HIS A 113 -0.79 -40.84 9.78
C HIS A 113 -0.72 -42.36 9.62
N ASN A 114 0.47 -42.89 9.34
CA ASN A 114 0.64 -44.31 8.97
C ASN A 114 0.47 -45.20 10.21
N TYR A 115 0.82 -44.72 11.42
CA TYR A 115 0.63 -45.48 12.69
C TYR A 115 -0.88 -45.66 12.95
N SER A 116 -1.72 -44.70 12.56
CA SER A 116 -3.18 -44.71 12.83
C SER A 116 -3.97 -45.31 11.66
N ALA A 117 -3.30 -45.63 10.54
CA ALA A 117 -3.95 -46.06 9.29
C ALA A 117 -4.53 -47.47 9.45
N VAL A 118 -5.61 -47.75 8.72
CA VAL A 118 -6.14 -49.13 8.50
C VAL A 118 -6.04 -49.43 7.00
N GLU A 119 -6.32 -50.67 6.59
N GLU A 119 -6.33 -50.67 6.61
CA GLU A 119 -6.06 -51.08 5.18
CA GLU A 119 -6.15 -51.17 5.22
C GLU A 119 -6.98 -50.32 4.23
C GLU A 119 -6.99 -50.34 4.25
N THR A 120 -8.10 -49.74 4.71
CA THR A 120 -9.01 -48.90 3.87
C THR A 120 -8.66 -47.42 3.92
N SER A 121 -7.61 -47.02 4.65
CA SER A 121 -7.11 -45.62 4.69
C SER A 121 -6.55 -45.23 3.31
N LYS A 122 -6.16 -43.96 3.17
CA LYS A 122 -5.52 -43.43 1.94
C LYS A 122 -4.31 -42.60 2.35
N PRO A 123 -3.35 -42.33 1.44
CA PRO A 123 -2.26 -41.40 1.74
C PRO A 123 -2.84 -40.03 2.15
N LEU A 124 -2.10 -39.29 2.97
CA LEU A 124 -2.56 -38.01 3.56
C LEU A 124 -2.17 -36.83 2.66
N PHE A 125 -0.95 -36.81 2.13
CA PHE A 125 -0.43 -35.58 1.49
C PHE A 125 0.45 -35.89 0.28
N GLY A 126 0.44 -34.94 -0.66
CA GLY A 126 1.45 -34.80 -1.72
C GLY A 126 2.55 -33.86 -1.26
N GLU A 127 3.70 -33.92 -1.93
CA GLU A 127 4.88 -33.10 -1.55
C GLU A 127 5.35 -32.35 -2.79
N HIS A 128 5.61 -31.06 -2.64
CA HIS A 128 5.91 -30.13 -3.75
C HIS A 128 6.99 -29.15 -3.31
N TYR A 129 7.74 -28.62 -4.28
CA TYR A 129 8.91 -27.74 -4.03
C TYR A 129 8.82 -26.50 -4.90
N VAL A 130 9.09 -25.34 -4.30
CA VAL A 130 9.30 -24.06 -5.02
C VAL A 130 10.55 -23.41 -4.43
N ARG A 131 11.47 -22.96 -5.29
CA ARG A 131 12.63 -22.17 -4.83
C ARG A 131 12.24 -20.69 -4.91
N VAL A 132 12.31 -20.00 -3.77
CA VAL A 132 12.11 -18.53 -3.72
C VAL A 132 13.35 -17.91 -3.06
N LYS A 133 13.69 -16.68 -3.45
CA LYS A 133 14.94 -16.03 -2.97
C LYS A 133 14.69 -14.52 -2.92
N SER A 134 15.12 -13.85 -1.85
CA SER A 134 14.96 -12.37 -1.72
C SER A 134 16.10 -11.72 -0.92
N TYR A 135 16.88 -12.47 -0.14
CA TYR A 135 17.85 -11.86 0.79
C TYR A 135 19.26 -11.81 0.20
N CYS A 136 19.95 -10.74 0.56
CA CYS A 136 21.41 -10.57 0.39
C CYS A 136 21.94 -10.15 1.75
N ASN A 137 22.94 -10.88 2.26
CA ASN A 137 23.41 -10.70 3.66
C ASN A 137 22.20 -10.92 4.58
N ASP A 138 21.90 -9.96 5.46
CA ASP A 138 20.84 -10.08 6.48
C ASP A 138 19.64 -9.19 6.13
N GLN A 139 19.48 -8.82 4.86
CA GLN A 139 18.41 -7.88 4.45
C GLN A 139 17.70 -8.37 3.18
N SER A 140 16.38 -8.22 3.16
CA SER A 140 15.52 -8.40 1.96
C SER A 140 15.90 -7.35 0.90
N THR A 141 16.05 -7.77 -0.36
CA THR A 141 16.18 -6.86 -1.54
C THR A 141 14.82 -6.21 -1.84
N GLY A 142 13.72 -6.73 -1.30
CA GLY A 142 12.36 -6.26 -1.57
C GLY A 142 11.81 -6.82 -2.86
N THR A 143 12.55 -7.67 -3.57
CA THR A 143 12.07 -8.42 -4.76
C THR A 143 12.15 -9.92 -4.46
N LEU A 144 11.06 -10.65 -4.66
CA LEU A 144 11.04 -12.13 -4.54
C LEU A 144 11.21 -12.79 -5.91
N GLU A 145 12.31 -13.54 -6.06
CA GLU A 145 12.57 -14.42 -7.22
C GLU A 145 11.87 -15.76 -6.95
N ILE A 146 11.08 -16.24 -7.91
CA ILE A 146 10.33 -17.52 -7.80
C ILE A 146 10.75 -18.39 -8.98
N VAL A 147 11.20 -19.61 -8.73
CA VAL A 147 11.55 -20.51 -9.87
C VAL A 147 10.26 -21.17 -10.34
N SER A 148 9.79 -20.81 -11.53
CA SER A 148 8.42 -21.16 -12.02
C SER A 148 8.38 -22.62 -12.48
N GLU A 149 7.93 -23.52 -11.59
CA GLU A 149 7.42 -24.87 -11.97
C GLU A 149 5.89 -24.80 -11.98
N ASP A 150 5.22 -25.36 -13.00
CA ASP A 150 3.76 -25.16 -13.20
C ASP A 150 3.00 -25.78 -12.03
N LEU A 151 2.31 -24.97 -11.23
CA LEU A 151 1.60 -25.41 -10.00
C LEU A 151 0.11 -25.67 -10.31
N SER A 152 -0.24 -25.83 -11.59
N SER A 152 -0.24 -25.83 -11.59
CA SER A 152 -1.63 -26.07 -12.04
CA SER A 152 -1.64 -26.06 -12.04
C SER A 152 -2.18 -27.36 -11.44
C SER A 152 -2.17 -27.37 -11.45
N CYS A 153 -1.29 -28.31 -11.11
CA CYS A 153 -1.62 -29.59 -10.43
C CYS A 153 -2.25 -29.35 -9.04
N LEU A 154 -2.10 -28.16 -8.46
CA LEU A 154 -2.68 -27.81 -7.13
C LEU A 154 -4.06 -27.16 -7.28
N LYS A 155 -4.58 -27.00 -8.50
CA LYS A 155 -5.94 -26.47 -8.70
C LYS A 155 -6.93 -27.30 -7.88
N GLY A 156 -7.76 -26.63 -7.07
CA GLY A 156 -8.82 -27.26 -6.26
C GLY A 156 -8.28 -28.11 -5.11
N LYS A 157 -7.01 -27.94 -4.74
CA LYS A 157 -6.36 -28.71 -3.65
C LYS A 157 -6.23 -27.84 -2.40
N HIS A 158 -6.19 -28.48 -1.24
CA HIS A 158 -5.73 -27.90 0.04
C HIS A 158 -4.20 -27.82 -0.01
N VAL A 159 -3.65 -26.63 0.16
CA VAL A 159 -2.17 -26.43 0.15
C VAL A 159 -1.72 -25.98 1.53
N LEU A 160 -0.66 -26.60 2.04
CA LEU A 160 0.04 -26.19 3.26
C LEU A 160 1.44 -25.71 2.85
N ILE A 161 1.66 -24.41 2.94
CA ILE A 161 3.00 -23.81 2.68
C ILE A 161 3.86 -24.10 3.90
N VAL A 162 5.08 -24.59 3.67
CA VAL A 162 6.08 -24.84 4.75
C VAL A 162 7.23 -23.86 4.56
N GLU A 163 7.36 -22.94 5.51
CA GLU A 163 8.36 -21.85 5.46
C GLU A 163 9.21 -21.88 6.74
N ASP A 164 10.48 -21.50 6.63
CA ASP A 164 11.43 -21.50 7.77
C ASP A 164 11.12 -20.32 8.71
N ILE A 165 11.03 -19.10 8.19
CA ILE A 165 10.94 -17.90 9.07
C ILE A 165 10.10 -16.81 8.39
N ILE A 166 9.25 -16.18 9.18
CA ILE A 166 8.58 -14.89 8.86
C ILE A 166 9.38 -13.80 9.57
N ASP A 167 9.81 -12.80 8.82
CA ASP A 167 10.66 -11.69 9.31
C ASP A 167 9.95 -10.40 8.88
N THR A 168 10.17 -9.95 7.66
CA THR A 168 9.43 -8.78 7.08
C THR A 168 7.99 -9.19 6.74
N GLY A 169 7.76 -10.46 6.44
CA GLY A 169 6.48 -10.96 5.89
C GLY A 169 6.36 -10.76 4.38
N LYS A 170 7.41 -10.26 3.72
CA LYS A 170 7.35 -9.92 2.28
C LYS A 170 7.33 -11.21 1.45
N THR A 171 8.10 -12.23 1.82
CA THR A 171 8.14 -13.51 1.07
C THR A 171 6.72 -14.08 0.97
N LEU A 172 6.01 -14.22 2.09
CA LEU A 172 4.72 -14.95 2.09
C LEU A 172 3.59 -14.09 1.49
N VAL A 173 3.62 -12.77 1.70
CA VAL A 173 2.61 -11.88 1.05
C VAL A 173 2.74 -12.04 -0.47
N LYS A 174 3.97 -11.97 -0.99
CA LYS A 174 4.25 -12.04 -2.45
C LYS A 174 3.97 -13.45 -2.96
N PHE A 175 4.37 -14.49 -2.21
CA PHE A 175 4.19 -15.88 -2.67
C PHE A 175 2.70 -16.24 -2.69
N CYS A 176 1.94 -15.83 -1.68
CA CYS A 176 0.47 -16.12 -1.63
C CYS A 176 -0.25 -15.38 -2.77
N GLU A 177 0.18 -14.17 -3.12
CA GLU A 177 -0.36 -13.42 -4.28
C GLU A 177 -0.09 -14.23 -5.57
N TYR A 178 1.13 -14.76 -5.73
CA TYR A 178 1.55 -15.59 -6.90
C TYR A 178 0.66 -16.84 -7.01
N LEU A 179 0.35 -17.49 -5.89
CA LEU A 179 -0.43 -18.76 -5.85
C LEU A 179 -1.87 -18.55 -6.34
N LYS A 180 -2.43 -17.33 -6.22
CA LYS A 180 -3.85 -17.03 -6.58
C LYS A 180 -4.16 -17.46 -8.00
N LYS A 181 -3.19 -17.43 -8.91
CA LYS A 181 -3.42 -17.71 -10.35
C LYS A 181 -3.73 -19.20 -10.57
N PHE A 182 -3.42 -20.08 -9.61
CA PHE A 182 -3.54 -21.55 -9.80
C PHE A 182 -4.88 -22.07 -9.25
N GLU A 183 -5.72 -21.21 -8.68
CA GLU A 183 -7.11 -21.55 -8.25
C GLU A 183 -7.07 -22.72 -7.26
N ILE A 184 -6.20 -22.60 -6.27
CA ILE A 184 -6.04 -23.57 -5.15
C ILE A 184 -7.26 -23.42 -4.24
N LYS A 185 -7.72 -24.52 -3.62
CA LYS A 185 -8.94 -24.53 -2.78
C LYS A 185 -8.68 -23.80 -1.47
N THR A 186 -7.61 -24.15 -0.74
CA THR A 186 -7.23 -23.45 0.52
C THR A 186 -5.72 -23.27 0.56
N VAL A 187 -5.28 -22.19 1.21
CA VAL A 187 -3.85 -21.96 1.51
C VAL A 187 -3.72 -21.76 3.02
N ALA A 188 -2.99 -22.67 3.66
CA ALA A 188 -2.60 -22.58 5.09
C ALA A 188 -1.08 -22.48 5.14
N ILE A 189 -0.55 -21.89 6.21
N ILE A 189 -0.55 -21.88 6.21
CA ILE A 189 0.92 -21.65 6.36
CA ILE A 189 0.92 -21.63 6.36
C ILE A 189 1.41 -22.28 7.67
C ILE A 189 1.42 -22.27 7.66
N ALA A 190 2.45 -23.10 7.55
CA ALA A 190 3.25 -23.62 8.70
C ALA A 190 4.59 -22.91 8.64
N CYS A 191 5.01 -22.31 9.75
CA CYS A 191 6.26 -21.53 9.83
C CYS A 191 7.02 -21.92 11.10
N LEU A 192 8.31 -22.21 11.00
CA LEU A 192 9.09 -22.69 12.18
C LEU A 192 9.35 -21.51 13.12
N PHE A 193 9.83 -20.37 12.59
CA PHE A 193 10.22 -19.19 13.38
C PHE A 193 9.44 -17.96 12.93
N ILE A 194 9.00 -17.14 13.88
CA ILE A 194 8.49 -15.76 13.57
C ILE A 194 9.29 -14.78 14.43
N LYS A 195 9.81 -13.72 13.80
CA LYS A 195 10.76 -12.80 14.46
C LYS A 195 10.03 -11.56 14.97
N ARG A 196 10.28 -11.18 16.22
CA ARG A 196 9.71 -9.95 16.84
C ARG A 196 10.51 -8.75 16.34
N THR A 197 10.29 -8.35 15.09
CA THR A 197 11.02 -7.25 14.42
C THR A 197 10.03 -6.13 14.07
N PRO A 198 10.46 -4.86 14.20
CA PRO A 198 9.62 -3.74 13.74
C PRO A 198 9.38 -3.74 12.22
N LEU A 199 10.13 -4.53 11.45
CA LEU A 199 9.99 -4.63 9.96
C LEU A 199 8.75 -5.45 9.59
N TRP A 200 8.14 -6.16 10.53
CA TRP A 200 7.05 -7.14 10.24
C TRP A 200 5.82 -6.43 9.66
N ASN A 201 5.27 -6.97 8.56
CA ASN A 201 4.10 -6.40 7.84
C ASN A 201 2.78 -6.97 8.36
N GLY A 202 2.80 -7.82 9.41
CA GLY A 202 1.58 -8.37 10.02
C GLY A 202 1.19 -9.74 9.50
N PHE A 203 1.92 -10.31 8.54
CA PHE A 203 1.59 -11.66 7.98
C PHE A 203 1.76 -12.70 9.08
N LYS A 204 0.69 -13.44 9.39
CA LYS A 204 0.65 -14.50 10.42
C LYS A 204 0.48 -15.87 9.78
N ALA A 205 1.18 -16.87 10.31
CA ALA A 205 1.05 -18.28 9.89
C ALA A 205 -0.06 -18.95 10.71
N ASP A 206 -0.52 -20.12 10.25
CA ASP A 206 -1.59 -20.91 10.90
C ASP A 206 -1.00 -21.89 11.92
N PHE A 207 0.24 -22.33 11.70
CA PHE A 207 0.99 -23.24 12.60
C PHE A 207 2.38 -22.64 12.77
N VAL A 208 2.78 -22.32 14.01
CA VAL A 208 4.05 -21.59 14.27
C VAL A 208 4.85 -22.31 15.35
N GLY A 209 6.13 -22.57 15.09
CA GLY A 209 7.03 -23.23 16.05
C GLY A 209 7.41 -22.32 17.20
N PHE A 210 8.11 -21.23 16.90
CA PHE A 210 8.78 -20.35 17.90
C PHE A 210 8.62 -18.87 17.53
N SER A 211 8.37 -18.03 18.52
CA SER A 211 8.55 -16.55 18.42
C SER A 211 9.94 -16.22 18.96
N ILE A 212 10.78 -15.57 18.15
CA ILE A 212 12.21 -15.32 18.49
C ILE A 212 12.48 -13.83 18.52
N PRO A 213 13.51 -13.40 19.29
CA PRO A 213 13.91 -12.00 19.34
C PRO A 213 14.49 -11.52 18.01
N ASP A 214 14.67 -10.20 17.89
CA ASP A 214 15.10 -9.53 16.66
C ASP A 214 16.62 -9.66 16.51
N HIS A 215 17.09 -10.84 16.10
CA HIS A 215 18.50 -11.14 15.76
C HIS A 215 18.50 -12.02 14.53
N PHE A 216 19.53 -11.90 13.69
CA PHE A 216 19.67 -12.73 12.48
C PHE A 216 20.15 -14.11 12.92
N VAL A 217 19.30 -15.11 12.75
CA VAL A 217 19.59 -16.50 13.20
C VAL A 217 20.19 -17.26 12.02
N VAL A 218 21.02 -18.25 12.33
CA VAL A 218 21.56 -19.20 11.33
C VAL A 218 21.45 -20.60 11.89
N GLY A 219 21.48 -21.60 11.00
CA GLY A 219 21.41 -23.01 11.37
C GLY A 219 20.04 -23.60 11.07
N TYR A 220 19.94 -24.91 11.17
CA TYR A 220 18.72 -25.69 10.83
C TYR A 220 18.25 -25.28 9.42
N SER A 221 19.18 -25.22 8.46
CA SER A 221 18.99 -24.88 7.02
C SER A 221 18.94 -23.37 6.78
N LEU A 222 18.87 -22.51 7.80
CA LEU A 222 18.85 -21.04 7.61
C LEU A 222 20.29 -20.56 7.40
N ASP A 223 20.53 -19.83 6.31
CA ASP A 223 21.91 -19.46 5.89
C ASP A 223 22.18 -17.96 6.09
N TYR A 224 23.46 -17.63 6.11
CA TYR A 224 23.98 -16.28 5.79
C TYR A 224 24.86 -16.44 4.55
N ASN A 225 24.36 -16.01 3.40
CA ASN A 225 25.04 -16.11 2.07
C ASN A 225 25.53 -17.54 1.87
N GLU A 226 24.64 -18.52 2.10
CA GLU A 226 24.82 -19.97 1.85
C GLU A 226 25.67 -20.64 2.95
N ILE A 227 26.15 -19.89 3.94
CA ILE A 227 26.95 -20.45 5.07
C ILE A 227 25.98 -20.81 6.21
N PHE A 228 26.31 -21.86 6.98
CA PHE A 228 25.68 -22.25 8.27
C PHE A 228 24.42 -23.12 8.07
N ARG A 229 24.05 -23.52 6.85
CA ARG A 229 22.82 -24.36 6.69
C ARG A 229 22.98 -25.68 7.46
N ASP A 230 24.20 -26.19 7.57
CA ASP A 230 24.54 -27.50 8.16
C ASP A 230 24.61 -27.41 9.69
N LEU A 231 24.69 -26.21 10.26
CA LEU A 231 24.71 -26.01 11.72
C LEU A 231 23.39 -26.55 12.28
N ASP A 232 23.44 -27.50 13.21
CA ASP A 232 22.24 -28.25 13.66
C ASP A 232 21.35 -27.37 14.55
N HIS A 233 21.95 -26.41 15.25
CA HIS A 233 21.24 -25.55 16.23
C HIS A 233 20.91 -24.20 15.60
N CYS A 234 19.82 -23.59 16.04
CA CYS A 234 19.48 -22.19 15.71
C CYS A 234 20.35 -21.28 16.57
N CYS A 235 21.30 -20.57 15.95
CA CYS A 235 22.33 -19.75 16.64
C CYS A 235 22.28 -18.31 16.14
N LEU A 236 22.80 -17.37 16.92
CA LEU A 236 22.94 -15.95 16.48
C LEU A 236 24.31 -15.79 15.84
N VAL A 237 24.35 -15.34 14.59
CA VAL A 237 25.63 -15.01 13.89
C VAL A 237 26.11 -13.66 14.44
N ASN A 238 27.40 -13.56 14.76
CA ASN A 238 27.98 -12.32 15.34
C ASN A 238 28.41 -11.39 14.20
N ASP A 239 28.85 -10.18 14.54
CA ASP A 239 29.20 -9.14 13.54
C ASP A 239 30.43 -9.60 12.75
N GLU A 240 31.35 -10.35 13.38
CA GLU A 240 32.54 -10.90 12.69
C GLU A 240 32.11 -11.87 11.59
N GLY A 241 31.09 -12.70 11.86
CA GLY A 241 30.54 -13.62 10.85
C GLY A 241 29.88 -12.87 9.72
N LYS A 242 29.10 -11.84 10.05
CA LYS A 242 28.38 -11.02 9.04
C LYS A 242 29.41 -10.35 8.12
N LYS A 243 30.53 -9.91 8.69
CA LYS A 243 31.60 -9.23 7.93
C LYS A 243 32.35 -10.25 7.06
N LYS A 244 32.80 -11.34 7.67
CA LYS A 244 33.60 -12.42 7.00
C LYS A 244 32.85 -12.92 5.75
N TYR A 245 31.55 -13.18 5.85
CA TYR A 245 30.77 -13.89 4.81
C TYR A 245 29.88 -12.93 4.02
N LYS A 246 30.11 -11.62 4.16
CA LYS A 246 29.35 -10.57 3.43
C LYS A 246 29.43 -10.85 1.92
N ALA A 247 28.33 -10.64 1.20
CA ALA A 247 28.24 -10.90 -0.27
C ALA A 247 29.07 -9.86 -1.00
N THR A 248 29.73 -10.27 -2.09
CA THR A 248 30.34 -9.35 -3.09
C THR A 248 29.27 -8.97 -4.12
N SER A 249 28.46 -9.93 -4.60
CA SER A 249 27.51 -9.75 -5.73
C SER A 249 26.03 -9.82 -5.30
N LEU A 250 25.15 -9.37 -6.20
CA LEU A 250 23.66 -9.30 -6.12
C LEU A 250 23.19 -8.12 -5.27
N HIS B 19 11.71 29.66 19.70
CA HIS B 19 10.29 29.92 20.09
C HIS B 19 9.48 28.61 20.10
N MET B 20 8.93 28.23 18.94
N MET B 20 8.93 28.23 18.94
CA MET B 20 8.03 27.05 18.79
CA MET B 20 8.03 27.05 18.81
C MET B 20 8.85 25.75 18.91
C MET B 20 8.84 25.76 18.90
N PRO B 21 8.37 24.74 19.66
CA PRO B 21 9.10 23.49 19.82
C PRO B 21 8.97 22.61 18.57
N ILE B 22 9.88 21.66 18.43
CA ILE B 22 9.77 20.60 17.39
C ILE B 22 8.54 19.78 17.73
N PRO B 23 7.60 19.60 16.78
CA PRO B 23 6.40 18.79 17.02
C PRO B 23 6.76 17.35 17.38
N ASN B 24 5.98 16.75 18.28
CA ASN B 24 6.17 15.34 18.64
C ASN B 24 4.87 14.77 19.20
N ASN B 25 3.78 15.00 18.47
CA ASN B 25 2.48 14.34 18.74
C ASN B 25 1.87 14.00 17.37
N PRO B 26 2.44 13.00 16.66
CA PRO B 26 2.08 12.75 15.27
C PRO B 26 0.59 12.42 15.11
N GLY B 27 -0.09 13.24 14.30
CA GLY B 27 -1.54 13.11 14.03
C GLY B 27 -2.34 14.17 14.76
N ALA B 28 -1.77 14.87 15.75
CA ALA B 28 -2.46 15.91 16.54
C ALA B 28 -2.33 17.29 15.86
N GLY B 29 -1.28 17.51 15.07
CA GLY B 29 -1.00 18.84 14.49
C GLY B 29 -1.14 19.93 15.54
N GLU B 30 -0.51 19.72 16.70
CA GLU B 30 -0.77 20.43 17.98
C GLU B 30 -0.70 21.95 17.79
N ASN B 31 0.31 22.44 17.05
CA ASN B 31 0.57 23.89 16.90
C ASN B 31 0.58 24.29 15.43
N ALA B 32 -0.08 23.54 14.56
CA ALA B 32 -0.03 23.74 13.09
C ALA B 32 -0.71 25.07 12.72
N PHE B 33 -0.08 25.85 11.84
CA PHE B 33 -0.72 27.02 11.19
C PHE B 33 -1.73 26.51 10.17
N ASP B 34 -2.80 27.28 9.97
CA ASP B 34 -3.86 26.98 8.98
C ASP B 34 -3.26 26.94 7.58
N PRO B 35 -3.67 25.98 6.73
CA PRO B 35 -3.21 25.95 5.35
C PRO B 35 -3.94 27.01 4.50
N VAL B 36 -3.47 27.21 3.28
CA VAL B 36 -4.24 27.93 2.23
C VAL B 36 -5.55 27.16 2.04
N PHE B 37 -6.68 27.83 2.19
CA PHE B 37 -8.01 27.20 2.06
C PHE B 37 -8.47 27.34 0.61
N VAL B 38 -8.55 26.22 -0.10
CA VAL B 38 -9.08 26.16 -1.50
C VAL B 38 -10.57 25.87 -1.38
N ASN B 39 -11.42 26.83 -1.75
CA ASN B 39 -12.90 26.73 -1.63
C ASN B 39 -13.44 25.67 -2.59
N ASP B 40 -14.63 25.14 -2.29
CA ASP B 40 -15.32 24.09 -3.08
C ASP B 40 -15.42 24.53 -4.55
N ASP B 41 -15.62 25.81 -4.83
CA ASP B 41 -15.86 26.34 -6.20
C ASP B 41 -14.58 26.95 -6.80
N ASP B 42 -13.45 26.90 -6.10
CA ASP B 42 -12.17 27.48 -6.58
C ASP B 42 -11.63 26.64 -7.73
N GLY B 43 -10.79 27.26 -8.55
CA GLY B 43 -10.07 26.61 -9.64
C GLY B 43 -10.12 27.45 -10.89
N TYR B 44 -9.63 26.88 -11.99
CA TYR B 44 -9.36 27.60 -13.25
C TYR B 44 -9.75 26.68 -14.39
N ASP B 45 -10.27 27.21 -15.48
CA ASP B 45 -10.61 26.36 -16.64
C ASP B 45 -9.30 25.90 -17.29
N LEU B 46 -9.36 24.86 -18.10
CA LEU B 46 -8.14 24.20 -18.64
C LEU B 46 -7.44 25.11 -19.66
N ASP B 47 -8.12 26.12 -20.21
CA ASP B 47 -7.52 27.06 -21.20
C ASP B 47 -6.69 28.15 -20.49
N SER B 48 -6.76 28.26 -19.16
CA SER B 48 -6.03 29.30 -18.37
C SER B 48 -4.52 29.07 -18.45
N PHE B 49 -4.08 27.81 -18.42
CA PHE B 49 -2.66 27.41 -18.26
C PHE B 49 -2.28 26.39 -19.32
N MET B 50 -0.99 26.08 -19.39
CA MET B 50 -0.43 25.02 -20.26
C MET B 50 -0.86 23.67 -19.68
N ILE B 51 -1.49 22.84 -20.50
CA ILE B 51 -1.91 21.45 -20.16
C ILE B 51 -1.40 20.55 -21.29
N PRO B 52 -0.76 19.40 -20.99
CA PRO B 52 -0.36 18.45 -22.04
C PRO B 52 -1.59 18.06 -22.86
N ALA B 53 -1.49 18.15 -24.18
CA ALA B 53 -2.64 18.04 -25.11
C ALA B 53 -3.44 16.75 -24.82
N HIS B 54 -2.76 15.62 -24.62
CA HIS B 54 -3.39 14.29 -24.47
C HIS B 54 -4.09 14.16 -23.11
N TYR B 55 -3.74 14.98 -22.12
CA TYR B 55 -4.37 14.91 -20.78
C TYR B 55 -5.68 15.71 -20.74
N LYS B 56 -5.85 16.69 -21.61
CA LYS B 56 -6.94 17.70 -21.51
C LYS B 56 -8.30 16.99 -21.42
N LYS B 57 -8.54 15.98 -22.25
CA LYS B 57 -9.86 15.29 -22.35
C LYS B 57 -10.19 14.54 -21.05
N TYR B 58 -9.21 14.33 -20.16
CA TYR B 58 -9.37 13.52 -18.93
C TYR B 58 -9.39 14.41 -17.68
N LEU B 59 -9.38 15.73 -17.84
CA LEU B 59 -9.35 16.68 -16.70
C LEU B 59 -10.60 17.56 -16.75
N THR B 60 -11.14 17.91 -15.58
CA THR B 60 -12.30 18.81 -15.44
C THR B 60 -11.79 20.25 -15.39
N LYS B 61 -10.81 20.51 -14.54
CA LYS B 61 -10.28 21.88 -14.31
C LYS B 61 -8.95 21.80 -13.58
N VAL B 62 -8.25 22.93 -13.53
CA VAL B 62 -7.06 23.11 -12.66
C VAL B 62 -7.58 23.53 -11.28
N LEU B 63 -7.16 22.83 -10.23
CA LEU B 63 -7.53 23.24 -8.85
C LEU B 63 -6.47 24.21 -8.32
N VAL B 64 -5.20 23.81 -8.36
CA VAL B 64 -4.06 24.62 -7.86
C VAL B 64 -2.95 24.59 -8.91
N PRO B 65 -2.63 25.74 -9.56
CA PRO B 65 -1.56 25.78 -10.54
C PRO B 65 -0.18 25.47 -9.94
N ASN B 66 0.71 24.93 -10.77
CA ASN B 66 2.11 24.57 -10.42
C ASN B 66 2.76 25.71 -9.64
N GLY B 67 2.62 26.94 -10.14
CA GLY B 67 3.34 28.09 -9.55
C GLY B 67 2.89 28.39 -8.13
N VAL B 68 1.59 28.26 -7.83
CA VAL B 68 1.02 28.52 -6.48
C VAL B 68 1.56 27.42 -5.56
N ILE B 69 1.61 26.19 -6.05
CA ILE B 69 2.15 25.04 -5.27
C ILE B 69 3.60 25.36 -4.90
N LYS B 70 4.43 25.75 -5.87
CA LYS B 70 5.86 26.06 -5.62
C LYS B 70 5.98 27.20 -4.60
N ASN B 71 5.21 28.27 -4.79
CA ASN B 71 5.26 29.45 -3.87
C ASN B 71 4.86 29.01 -2.46
N ARG B 72 3.85 28.16 -2.32
CA ARG B 72 3.38 27.70 -1.00
C ARG B 72 4.46 26.84 -0.35
N ILE B 73 5.11 25.97 -1.12
CA ILE B 73 6.17 25.06 -0.57
C ILE B 73 7.35 25.90 -0.09
N GLU B 74 7.70 26.99 -0.79
CA GLU B 74 8.78 27.89 -0.33
C GLU B 74 8.43 28.40 1.08
N LYS B 75 7.17 28.78 1.30
CA LYS B 75 6.73 29.31 2.62
C LYS B 75 6.73 28.17 3.64
N LEU B 76 6.31 26.95 3.26
CA LEU B 76 6.39 25.80 4.20
C LEU B 76 7.85 25.56 4.60
N ALA B 77 8.80 25.67 3.69
CA ALA B 77 10.23 25.50 4.00
C ALA B 77 10.64 26.55 5.05
N TYR B 78 10.20 27.80 4.87
CA TYR B 78 10.46 28.89 5.85
C TYR B 78 9.85 28.49 7.22
N ASP B 79 8.60 28.03 7.24
CA ASP B 79 7.89 27.62 8.49
C ASP B 79 8.67 26.50 9.18
N ILE B 80 9.18 25.52 8.42
CA ILE B 80 9.96 24.38 8.96
C ILE B 80 11.28 24.91 9.54
N LYS B 81 11.98 25.77 8.81
CA LYS B 81 13.24 26.39 9.30
C LYS B 81 12.98 27.17 10.59
N LYS B 82 11.86 27.87 10.70
CA LYS B 82 11.50 28.67 11.92
C LYS B 82 11.34 27.74 13.14
N VAL B 83 10.87 26.51 12.92
CA VAL B 83 10.63 25.51 14.02
C VAL B 83 11.96 24.85 14.38
N TYR B 84 12.69 24.30 13.42
CA TYR B 84 13.89 23.45 13.68
C TYR B 84 15.11 24.33 13.94
N ASN B 85 15.10 25.56 13.43
CA ASN B 85 16.24 26.51 13.50
C ASN B 85 17.47 25.80 12.92
N ASN B 86 18.50 25.52 13.72
CA ASN B 86 19.74 24.85 13.25
C ASN B 86 19.84 23.41 13.77
N GLU B 87 18.78 22.90 14.42
N GLU B 87 18.78 22.90 14.41
CA GLU B 87 18.77 21.54 15.01
CA GLU B 87 18.77 21.54 15.00
C GLU B 87 18.72 20.50 13.88
C GLU B 87 18.72 20.50 13.87
N GLU B 88 19.68 19.57 13.87
CA GLU B 88 19.74 18.43 12.91
C GLU B 88 18.39 17.71 12.88
N PHE B 89 17.82 17.50 11.69
CA PHE B 89 16.64 16.62 11.51
C PHE B 89 16.81 15.82 10.23
N HIS B 90 15.91 14.85 10.05
CA HIS B 90 15.98 13.83 8.99
C HIS B 90 14.64 13.84 8.26
N ILE B 91 14.68 14.18 6.97
CA ILE B 91 13.47 14.31 6.13
C ILE B 91 13.24 12.96 5.48
N LEU B 92 12.02 12.44 5.63
N LEU B 92 12.02 12.43 5.62
CA LEU B 92 11.62 11.10 5.14
CA LEU B 92 11.62 11.10 5.14
C LEU B 92 10.54 11.30 4.07
C LEU B 92 10.54 11.30 4.07
N CYS B 93 10.91 11.08 2.81
CA CYS B 93 10.05 11.18 1.61
C CYS B 93 9.22 9.90 1.47
N LEU B 94 7.88 10.02 1.50
N LEU B 94 7.88 10.02 1.50
CA LEU B 94 6.96 8.90 1.21
CA LEU B 94 6.95 8.89 1.23
C LEU B 94 6.73 8.83 -0.30
C LEU B 94 6.73 8.82 -0.29
N LEU B 95 7.54 8.01 -0.98
CA LEU B 95 7.42 7.78 -2.44
C LEU B 95 6.13 7.00 -2.73
N LYS B 96 5.56 7.17 -3.92
CA LYS B 96 6.09 7.95 -5.02
C LYS B 96 5.44 9.34 -5.07
N GLY B 97 4.25 9.53 -4.49
CA GLY B 97 3.43 10.74 -4.68
C GLY B 97 4.07 12.01 -4.12
N SER B 98 4.96 11.89 -3.14
N SER B 98 4.96 11.88 -3.14
CA SER B 98 5.60 13.04 -2.45
CA SER B 98 5.60 13.03 -2.45
C SER B 98 6.80 13.57 -3.23
C SER B 98 6.80 13.57 -3.23
N ARG B 99 7.14 12.98 -4.40
CA ARG B 99 8.42 13.30 -5.11
C ARG B 99 8.55 14.81 -5.35
N GLY B 100 7.57 15.43 -6.02
CA GLY B 100 7.59 16.87 -6.35
C GLY B 100 7.65 17.72 -5.09
N PHE B 101 6.81 17.41 -4.11
CA PHE B 101 6.75 18.16 -2.83
C PHE B 101 8.12 18.12 -2.15
N PHE B 102 8.66 16.92 -1.98
CA PHE B 102 9.97 16.67 -1.32
C PHE B 102 11.06 17.43 -2.05
N THR B 103 11.09 17.36 -3.38
CA THR B 103 12.11 18.04 -4.22
C THR B 103 12.09 19.54 -3.92
N ALA B 104 10.91 20.16 -3.95
CA ALA B 104 10.74 21.61 -3.75
C ALA B 104 11.12 21.98 -2.31
N LEU B 105 10.75 21.15 -1.32
N LEU B 105 10.74 21.16 -1.32
CA LEU B 105 11.09 21.39 0.11
CA LEU B 105 11.10 21.38 0.11
C LEU B 105 12.62 21.37 0.26
C LEU B 105 12.62 21.37 0.26
N LEU B 106 13.28 20.37 -0.31
CA LEU B 106 14.77 20.25 -0.25
C LEU B 106 15.39 21.51 -0.84
N LYS B 107 14.93 21.92 -2.02
CA LYS B 107 15.46 23.11 -2.73
C LYS B 107 15.36 24.33 -1.83
N HIS B 108 14.18 24.61 -1.29
CA HIS B 108 13.91 25.87 -0.54
C HIS B 108 14.53 25.79 0.86
N LEU B 109 14.47 24.64 1.54
CA LEU B 109 15.12 24.49 2.87
C LEU B 109 16.63 24.70 2.71
N SER B 110 17.22 24.10 1.69
CA SER B 110 18.69 24.18 1.42
C SER B 110 19.06 25.65 1.15
N ARG B 111 18.30 26.33 0.30
CA ARG B 111 18.60 27.74 -0.07
C ARG B 111 18.47 28.63 1.18
N ILE B 112 17.36 28.49 1.92
CA ILE B 112 17.12 29.32 3.15
C ILE B 112 18.25 29.05 4.14
N HIS B 113 18.62 27.79 4.37
CA HIS B 113 19.66 27.41 5.35
C HIS B 113 21.03 27.92 4.87
N ASN B 114 21.37 27.65 3.62
CA ASN B 114 22.73 27.94 3.08
C ASN B 114 22.91 29.45 2.86
N TYR B 115 21.85 30.20 2.55
CA TYR B 115 21.92 31.68 2.39
C TYR B 115 22.22 32.33 3.74
N SER B 116 21.75 31.75 4.85
CA SER B 116 21.91 32.32 6.22
C SER B 116 23.16 31.75 6.90
N ALA B 117 23.84 30.77 6.30
CA ALA B 117 24.95 30.03 6.91
C ALA B 117 26.17 30.93 7.07
N VAL B 118 26.93 30.68 8.14
CA VAL B 118 28.25 31.32 8.38
C VAL B 118 29.29 30.21 8.41
N GLU B 119 30.58 30.58 8.53
CA GLU B 119 31.69 29.60 8.37
C GLU B 119 31.60 28.51 9.45
N THR B 120 30.95 28.78 10.58
CA THR B 120 30.83 27.80 11.71
C THR B 120 29.57 26.94 11.60
N SER B 121 28.70 27.19 10.60
CA SER B 121 27.41 26.47 10.44
C SER B 121 27.66 24.99 10.13
N LYS B 122 26.60 24.18 10.19
CA LYS B 122 26.64 22.75 9.78
C LYS B 122 25.44 22.49 8.89
N PRO B 123 25.43 21.38 8.13
CA PRO B 123 24.25 20.96 7.38
C PRO B 123 23.04 20.85 8.30
N LEU B 124 21.84 21.09 7.77
CA LEU B 124 20.58 21.15 8.55
C LEU B 124 19.93 19.76 8.62
N PHE B 125 19.91 19.00 7.53
CA PHE B 125 19.07 17.78 7.46
C PHE B 125 19.74 16.67 6.66
N GLY B 126 19.39 15.44 7.03
CA GLY B 126 19.57 14.22 6.21
C GLY B 126 18.33 13.99 5.38
N GLU B 127 18.48 13.20 4.32
CA GLU B 127 17.35 12.92 3.37
C GLU B 127 17.22 11.40 3.25
N HIS B 128 15.99 10.93 3.37
CA HIS B 128 15.66 9.48 3.43
C HIS B 128 14.41 9.20 2.61
N TYR B 129 14.27 7.98 2.13
CA TYR B 129 13.17 7.57 1.22
C TYR B 129 12.56 6.27 1.72
N VAL B 130 11.22 6.24 1.74
N VAL B 130 11.23 6.23 1.77
CA VAL B 130 10.44 5.00 1.99
CA VAL B 130 10.44 4.99 1.98
C VAL B 130 9.34 4.95 0.93
C VAL B 130 9.34 4.95 0.93
N ARG B 131 9.15 3.81 0.27
CA ARG B 131 8.03 3.62 -0.66
C ARG B 131 6.89 3.00 0.14
N VAL B 132 5.74 3.67 0.13
N VAL B 132 5.74 3.67 0.17
CA VAL B 132 4.48 3.22 0.78
CA VAL B 132 4.49 3.15 0.79
C VAL B 132 3.40 3.18 -0.31
C VAL B 132 3.41 3.17 -0.29
N LYS B 133 2.49 2.22 -0.25
CA LYS B 133 1.48 2.02 -1.32
C LYS B 133 0.20 1.47 -0.68
N SER B 134 -0.95 2.03 -1.03
CA SER B 134 -2.26 1.57 -0.49
C SER B 134 -3.41 1.74 -1.48
N TYR B 135 -3.28 2.55 -2.53
CA TYR B 135 -4.44 2.87 -3.40
C TYR B 135 -4.45 1.98 -4.65
N CYS B 136 -5.67 1.70 -5.08
CA CYS B 136 -5.98 1.14 -6.42
C CYS B 136 -7.10 2.01 -7.01
N ASN B 137 -6.91 2.53 -8.22
CA ASN B 137 -7.83 3.54 -8.79
C ASN B 137 -7.86 4.71 -7.81
N ASP B 138 -9.05 5.14 -7.36
CA ASP B 138 -9.24 6.35 -6.51
C ASP B 138 -9.61 5.92 -5.07
N GLN B 139 -9.29 4.69 -4.66
CA GLN B 139 -9.73 4.15 -3.36
C GLN B 139 -8.57 3.46 -2.64
N SER B 140 -8.48 3.68 -1.33
CA SER B 140 -7.59 2.93 -0.41
C SER B 140 -8.04 1.47 -0.37
N THR B 141 -7.09 0.53 -0.49
CA THR B 141 -7.32 -0.93 -0.26
C THR B 141 -7.46 -1.20 1.24
N GLY B 142 -7.06 -0.24 2.10
CA GLY B 142 -7.10 -0.41 3.56
C GLY B 142 -5.91 -1.19 4.07
N THR B 143 -4.98 -1.56 3.19
CA THR B 143 -3.69 -2.25 3.52
C THR B 143 -2.54 -1.36 3.05
N LEU B 144 -1.58 -1.06 3.93
CA LEU B 144 -0.40 -0.26 3.57
C LEU B 144 0.82 -1.17 3.38
N GLU B 145 1.36 -1.20 2.16
N GLU B 145 1.37 -1.20 2.16
CA GLU B 145 2.67 -1.83 1.84
CA GLU B 145 2.67 -1.85 1.85
C GLU B 145 3.77 -0.81 2.15
C GLU B 145 3.78 -0.82 2.13
N ILE B 146 4.79 -1.22 2.90
CA ILE B 146 5.97 -0.38 3.24
C ILE B 146 7.21 -1.12 2.75
N VAL B 147 8.06 -0.48 1.95
CA VAL B 147 9.27 -1.19 1.43
C VAL B 147 10.33 -1.14 2.54
N SER B 148 10.66 -2.29 3.13
CA SER B 148 11.44 -2.40 4.38
C SER B 148 12.92 -2.10 4.11
N GLU B 149 13.32 -0.84 4.27
CA GLU B 149 14.72 -0.44 4.53
C GLU B 149 14.84 -0.21 6.04
N ASP B 150 15.90 -0.74 6.66
CA ASP B 150 16.07 -0.69 8.15
C ASP B 150 16.16 0.79 8.57
N LEU B 151 15.20 1.27 9.36
CA LEU B 151 15.13 2.69 9.79
C LEU B 151 15.79 2.87 11.16
N SER B 152 16.58 1.90 11.60
CA SER B 152 17.30 1.93 12.90
C SER B 152 18.31 3.09 12.89
N CYS B 153 18.75 3.53 11.69
CA CYS B 153 19.66 4.70 11.53
C CYS B 153 18.99 6.00 12.03
N LEU B 154 17.65 6.03 12.17
CA LEU B 154 16.90 7.22 12.67
C LEU B 154 16.71 7.14 14.19
N LYS B 155 17.22 6.11 14.87
CA LYS B 155 17.12 6.02 16.35
C LYS B 155 17.68 7.32 16.95
N GLY B 156 16.92 7.96 17.84
CA GLY B 156 17.32 9.19 18.56
C GLY B 156 17.38 10.43 17.67
N LYS B 157 16.80 10.37 16.46
CA LYS B 157 16.80 11.51 15.50
C LYS B 157 15.44 12.19 15.49
N HIS B 158 15.43 13.48 15.15
CA HIS B 158 14.21 14.24 14.78
C HIS B 158 13.84 13.84 13.35
N VAL B 159 12.62 13.35 13.16
CA VAL B 159 12.19 12.91 11.81
C VAL B 159 11.03 13.80 11.35
N LEU B 160 11.15 14.31 10.13
CA LEU B 160 10.06 15.06 9.45
C LEU B 160 9.59 14.20 8.28
N ILE B 161 8.37 13.66 8.40
CA ILE B 161 7.72 12.90 7.31
C ILE B 161 7.22 13.92 6.28
N VAL B 162 7.52 13.67 5.01
CA VAL B 162 7.05 14.49 3.88
C VAL B 162 6.07 13.64 3.07
N GLU B 163 4.80 14.06 3.07
CA GLU B 163 3.69 13.32 2.43
C GLU B 163 2.95 14.26 1.48
N ASP B 164 2.43 13.73 0.38
CA ASP B 164 1.71 14.53 -0.64
C ASP B 164 0.32 14.91 -0.13
N ILE B 165 -0.47 13.96 0.34
CA ILE B 165 -1.90 14.21 0.67
C ILE B 165 -2.34 13.34 1.84
N ILE B 166 -3.10 13.94 2.74
CA ILE B 166 -3.95 13.24 3.75
C ILE B 166 -5.36 13.22 3.19
N ASP B 167 -5.95 12.02 3.11
CA ASP B 167 -7.30 11.81 2.57
C ASP B 167 -8.07 11.05 3.66
N THR B 168 -7.95 9.71 3.69
CA THR B 168 -8.54 8.88 4.76
C THR B 168 -7.76 9.06 6.06
N GLY B 169 -6.47 9.39 5.98
CA GLY B 169 -5.54 9.40 7.13
C GLY B 169 -5.00 8.00 7.45
N LYS B 170 -5.32 6.98 6.66
CA LYS B 170 -4.92 5.58 6.95
C LYS B 170 -3.41 5.42 6.75
N THR B 171 -2.85 6.01 5.68
CA THR B 171 -1.41 5.90 5.39
C THR B 171 -0.62 6.40 6.61
N LEU B 172 -0.90 7.60 7.10
CA LEU B 172 -0.03 8.22 8.13
C LEU B 172 -0.28 7.60 9.50
N VAL B 173 -1.52 7.19 9.83
CA VAL B 173 -1.77 6.51 11.13
C VAL B 173 -0.92 5.24 11.16
N LYS B 174 -0.95 4.45 10.08
CA LYS B 174 -0.23 3.16 10.00
C LYS B 174 1.28 3.41 9.93
N PHE B 175 1.71 4.40 9.13
CA PHE B 175 3.16 4.68 8.97
C PHE B 175 3.74 5.21 10.27
N CYS B 176 3.05 6.09 10.98
CA CYS B 176 3.57 6.69 12.25
C CYS B 176 3.68 5.58 13.32
N GLU B 177 2.75 4.63 13.35
CA GLU B 177 2.85 3.47 14.27
C GLU B 177 4.11 2.67 13.94
N TYR B 178 4.36 2.42 12.66
CA TYR B 178 5.56 1.70 12.16
C TYR B 178 6.84 2.42 12.57
N LEU B 179 6.91 3.74 12.41
CA LEU B 179 8.16 4.53 12.61
C LEU B 179 8.49 4.57 14.11
N LYS B 180 7.44 4.57 14.96
CA LYS B 180 7.61 4.66 16.44
C LYS B 180 8.45 3.50 16.95
N LYS B 181 8.43 2.36 16.25
CA LYS B 181 9.12 1.13 16.68
C LYS B 181 10.64 1.29 16.57
N PHE B 182 11.17 2.31 15.88
CA PHE B 182 12.63 2.50 15.67
C PHE B 182 13.26 3.46 16.70
N GLU B 183 12.47 3.87 17.70
CA GLU B 183 12.94 4.67 18.86
C GLU B 183 13.50 6.00 18.35
N ILE B 184 12.78 6.63 17.42
CA ILE B 184 13.11 7.99 16.92
C ILE B 184 12.81 8.99 18.04
N LYS B 185 13.51 10.11 18.06
CA LYS B 185 13.38 11.15 19.11
C LYS B 185 12.05 11.89 18.92
N THR B 186 11.76 12.39 17.73
CA THR B 186 10.47 13.09 17.44
C THR B 186 9.97 12.70 16.05
N VAL B 187 8.66 12.77 15.87
CA VAL B 187 8.00 12.57 14.55
C VAL B 187 7.11 13.77 14.29
N ALA B 188 7.43 14.54 13.25
CA ALA B 188 6.60 15.66 12.76
C ALA B 188 6.18 15.35 11.33
N ILE B 189 5.06 15.92 10.87
CA ILE B 189 4.52 15.63 9.51
C ILE B 189 4.36 16.94 8.74
N ALA B 190 4.92 16.99 7.54
CA ALA B 190 4.67 18.03 6.52
C ALA B 190 3.85 17.39 5.40
N CYS B 191 2.74 18.01 5.05
CA CYS B 191 1.78 17.47 4.05
C CYS B 191 1.37 18.58 3.08
N LEU B 192 1.43 18.34 1.78
CA LEU B 192 1.13 19.40 0.79
C LEU B 192 -0.39 19.67 0.78
N PHE B 193 -1.20 18.62 0.69
CA PHE B 193 -2.67 18.71 0.56
C PHE B 193 -3.35 17.96 1.71
N ILE B 194 -4.42 18.52 2.24
CA ILE B 194 -5.36 17.78 3.13
C ILE B 194 -6.76 17.93 2.54
N LYS B 195 -7.48 16.82 2.41
CA LYS B 195 -8.77 16.80 1.69
C LYS B 195 -9.92 16.86 2.69
N ARG B 196 -10.88 17.75 2.43
CA ARG B 196 -12.11 17.86 3.25
C ARG B 196 -13.08 16.74 2.81
N THR B 197 -12.80 15.52 3.27
CA THR B 197 -13.58 14.31 2.93
C THR B 197 -14.19 13.75 4.21
N PRO B 198 -15.44 13.24 4.16
CA PRO B 198 -16.01 12.56 5.32
C PRO B 198 -15.27 11.27 5.70
N LEU B 199 -14.40 10.74 4.83
CA LEU B 199 -13.62 9.51 5.09
C LEU B 199 -12.46 9.78 6.06
N TRP B 200 -12.15 11.05 6.34
CA TRP B 200 -10.98 11.44 7.16
C TRP B 200 -11.08 10.88 8.58
N ASN B 201 -10.01 10.27 9.09
CA ASN B 201 -9.95 9.64 10.43
C ASN B 201 -9.44 10.62 11.49
N GLY B 202 -9.20 11.89 11.14
CA GLY B 202 -8.78 12.92 12.10
C GLY B 202 -7.27 13.14 12.16
N PHE B 203 -6.47 12.41 11.39
CA PHE B 203 -5.00 12.59 11.39
C PHE B 203 -4.64 13.98 10.85
N LYS B 204 -3.95 14.79 11.64
CA LYS B 204 -3.52 16.18 11.31
C LYS B 204 -1.99 16.24 11.16
N ALA B 205 -1.51 16.97 10.17
CA ALA B 205 -0.08 17.24 9.95
C ALA B 205 0.33 18.48 10.74
N ASP B 206 1.64 18.69 10.89
CA ASP B 206 2.22 19.83 11.64
C ASP B 206 2.48 21.02 10.70
N PHE B 207 2.71 20.74 9.41
CA PHE B 207 2.90 21.77 8.36
C PHE B 207 2.04 21.36 7.18
N VAL B 208 1.12 22.21 6.74
CA VAL B 208 0.13 21.85 5.68
C VAL B 208 0.11 22.95 4.61
N GLY B 209 0.23 22.56 3.34
CA GLY B 209 0.18 23.50 2.21
C GLY B 209 -1.23 24.05 1.98
N PHE B 210 -2.17 23.17 1.62
CA PHE B 210 -3.52 23.51 1.13
C PHE B 210 -4.56 22.57 1.74
N SER B 211 -5.71 23.13 2.12
CA SER B 211 -6.96 22.37 2.38
C SER B 211 -7.78 22.40 1.09
N ILE B 212 -8.12 21.23 0.55
CA ILE B 212 -8.79 21.11 -0.77
C ILE B 212 -10.13 20.42 -0.62
N PRO B 213 -11.07 20.70 -1.56
CA PRO B 213 -12.35 20.03 -1.56
C PRO B 213 -12.25 18.53 -1.90
N ASP B 214 -13.36 17.83 -1.72
CA ASP B 214 -13.45 16.36 -1.85
C ASP B 214 -13.55 15.98 -3.33
N HIS B 215 -12.41 16.01 -4.03
CA HIS B 215 -12.28 15.54 -5.43
C HIS B 215 -10.95 14.82 -5.56
N PHE B 216 -10.87 13.80 -6.39
CA PHE B 216 -9.62 13.05 -6.63
C PHE B 216 -8.73 13.92 -7.53
N VAL B 217 -7.61 14.39 -6.97
CA VAL B 217 -6.69 15.31 -7.68
C VAL B 217 -5.59 14.47 -8.34
N VAL B 218 -5.05 14.98 -9.42
CA VAL B 218 -3.86 14.40 -10.10
C VAL B 218 -2.90 15.53 -10.43
N GLY B 219 -1.64 15.18 -10.64
CA GLY B 219 -0.60 16.13 -11.01
C GLY B 219 0.31 16.42 -9.84
N TYR B 220 1.41 17.12 -10.10
CA TYR B 220 2.47 17.41 -9.11
C TYR B 220 2.88 16.12 -8.39
N SER B 221 3.10 15.04 -9.17
CA SER B 221 3.53 13.68 -8.73
C SER B 221 2.36 12.81 -8.26
N LEU B 222 1.16 13.36 -8.06
CA LEU B 222 0.00 12.54 -7.62
C LEU B 222 -0.61 11.84 -8.83
N ASP B 223 -0.77 10.52 -8.75
CA ASP B 223 -1.15 9.68 -9.92
C ASP B 223 -2.58 9.14 -9.80
N TYR B 224 -3.12 8.74 -10.94
CA TYR B 224 -4.23 7.76 -11.06
C TYR B 224 -3.66 6.55 -11.80
N ASN B 225 -3.42 5.45 -11.06
CA ASN B 225 -2.82 4.20 -11.61
C ASN B 225 -1.58 4.54 -12.44
N GLU B 226 -0.68 5.35 -11.87
CA GLU B 226 0.65 5.73 -12.41
C GLU B 226 0.56 6.78 -13.52
N ILE B 227 -0.65 7.23 -13.89
CA ILE B 227 -0.84 8.28 -14.92
C ILE B 227 -0.89 9.65 -14.24
N PHE B 228 -0.44 10.70 -14.93
CA PHE B 228 -0.59 12.13 -14.57
C PHE B 228 0.46 12.62 -13.56
N ARG B 229 1.46 11.81 -13.18
CA ARG B 229 2.50 12.32 -12.22
C ARG B 229 3.22 13.53 -12.82
N ASP B 230 3.39 13.56 -14.14
CA ASP B 230 4.16 14.58 -14.89
C ASP B 230 3.35 15.86 -15.10
N LEU B 231 2.03 15.81 -14.90
CA LEU B 231 1.16 17.01 -15.03
C LEU B 231 1.61 18.03 -13.98
N ASP B 232 1.95 19.26 -14.41
CA ASP B 232 2.61 20.25 -13.52
C ASP B 232 1.62 20.84 -12.52
N HIS B 233 0.34 20.90 -12.88
CA HIS B 233 -0.72 21.53 -12.06
C HIS B 233 -1.50 20.46 -11.32
N CYS B 234 -2.00 20.80 -10.13
CA CYS B 234 -2.98 19.98 -9.39
C CYS B 234 -4.35 20.15 -10.06
N CYS B 235 -4.85 19.10 -10.71
CA CYS B 235 -6.09 19.13 -11.53
C CYS B 235 -7.06 18.07 -11.04
N LEU B 236 -8.34 18.22 -11.38
CA LEU B 236 -9.37 17.19 -11.09
C LEU B 236 -9.45 16.25 -12.29
N VAL B 237 -9.21 14.96 -12.09
CA VAL B 237 -9.40 13.91 -13.13
C VAL B 237 -10.91 13.69 -13.28
N ASN B 238 -11.41 13.63 -14.50
CA ASN B 238 -12.86 13.44 -14.78
C ASN B 238 -13.16 11.94 -14.80
N ASP B 239 -14.45 11.60 -14.89
CA ASP B 239 -14.92 10.19 -14.84
C ASP B 239 -14.42 9.45 -16.08
N GLU B 240 -14.26 10.13 -17.21
CA GLU B 240 -13.72 9.51 -18.46
C GLU B 240 -12.27 9.06 -18.22
N GLY B 241 -11.48 9.88 -17.52
CA GLY B 241 -10.10 9.52 -17.14
C GLY B 241 -10.07 8.34 -16.20
N LYS B 242 -10.95 8.35 -15.19
CA LYS B 242 -11.03 7.27 -14.17
C LYS B 242 -11.39 5.96 -14.88
N LYS B 243 -12.27 6.02 -15.88
CA LYS B 243 -12.71 4.82 -16.64
C LYS B 243 -11.59 4.34 -17.55
N LYS B 244 -11.02 5.25 -18.34
CA LYS B 244 -9.93 4.97 -19.33
C LYS B 244 -8.77 4.24 -18.63
N TYR B 245 -8.33 4.72 -17.47
CA TYR B 245 -7.07 4.28 -16.82
C TYR B 245 -7.37 3.37 -15.62
N LYS B 246 -8.60 2.88 -15.49
CA LYS B 246 -9.01 1.95 -14.40
C LYS B 246 -8.08 0.73 -14.42
N ALA B 247 -7.69 0.24 -13.24
CA ALA B 247 -6.77 -0.91 -13.09
C ALA B 247 -7.47 -2.19 -13.59
N THR B 248 -6.76 -3.01 -14.37
CA THR B 248 -7.27 -4.27 -14.98
C THR B 248 -6.51 -5.47 -14.41
N MET C 20 17.99 5.70 -34.31
CA MET C 20 18.87 4.92 -33.39
C MET C 20 18.00 4.00 -32.51
N PRO C 21 18.42 2.72 -32.34
CA PRO C 21 17.61 1.75 -31.61
C PRO C 21 17.69 1.98 -30.09
N ILE C 22 16.72 1.45 -29.35
CA ILE C 22 16.76 1.44 -27.87
C ILE C 22 17.96 0.56 -27.47
N PRO C 23 18.90 1.07 -26.64
CA PRO C 23 20.05 0.27 -26.21
C PRO C 23 19.62 -0.98 -25.45
N ASN C 24 20.34 -2.08 -25.63
CA ASN C 24 20.07 -3.32 -24.87
C ASN C 24 21.34 -4.17 -24.82
N ASN C 25 22.45 -3.56 -24.42
CA ASN C 25 23.70 -4.30 -24.12
C ASN C 25 24.33 -3.60 -22.93
N PRO C 26 23.75 -3.76 -21.72
CA PRO C 26 24.16 -2.96 -20.55
C PRO C 26 25.64 -3.15 -20.23
N GLY C 27 26.39 -2.05 -20.24
CA GLY C 27 27.84 -2.00 -19.98
C GLY C 27 28.66 -1.83 -21.23
N ALA C 28 28.06 -2.04 -22.42
CA ALA C 28 28.77 -1.91 -23.72
C ALA C 28 28.72 -0.46 -24.23
N GLY C 29 27.70 0.31 -23.86
CA GLY C 29 27.49 1.68 -24.40
C GLY C 29 27.65 1.67 -25.90
N GLU C 30 26.98 0.71 -26.57
CA GLU C 30 27.24 0.29 -27.98
C GLU C 30 27.23 1.50 -28.92
N ASN C 31 26.27 2.40 -28.76
CA ASN C 31 26.04 3.55 -29.69
C ASN C 31 26.12 4.88 -28.95
N ALA C 32 26.79 4.95 -27.81
CA ALA C 32 26.79 6.13 -26.91
C ALA C 32 27.52 7.29 -27.59
N PHE C 33 26.94 8.49 -27.54
CA PHE C 33 27.62 9.75 -27.93
C PHE C 33 28.63 10.10 -26.84
N ASP C 34 29.74 10.72 -27.23
CA ASP C 34 30.82 11.15 -26.30
C ASP C 34 30.26 12.14 -25.29
N PRO C 35 30.67 12.06 -24.01
CA PRO C 35 30.27 13.04 -23.01
C PRO C 35 31.06 14.35 -23.17
N VAL C 36 30.63 15.39 -22.46
CA VAL C 36 31.45 16.61 -22.23
C VAL C 36 32.74 16.16 -21.52
N PHE C 37 33.90 16.47 -22.11
CA PHE C 37 35.20 16.07 -21.53
C PHE C 37 35.70 17.17 -20.60
N VAL C 38 35.76 16.89 -19.30
CA VAL C 38 36.31 17.80 -18.27
C VAL C 38 37.79 17.45 -18.12
N ASN C 39 38.68 18.36 -18.53
CA ASN C 39 40.15 18.12 -18.54
C ASN C 39 40.68 18.04 -17.11
N ASP C 40 41.85 17.40 -16.93
CA ASP C 40 42.50 17.16 -15.62
C ASP C 40 42.61 18.48 -14.83
N ASP C 41 42.91 19.59 -15.52
CA ASP C 41 43.20 20.91 -14.87
C ASP C 41 41.98 21.83 -14.93
N ASP C 42 40.83 21.36 -15.43
CA ASP C 42 39.62 22.19 -15.55
C ASP C 42 39.05 22.49 -14.16
N GLY C 43 38.30 23.57 -14.06
CA GLY C 43 37.52 23.93 -12.85
C GLY C 43 37.63 25.41 -12.54
N TYR C 44 37.15 25.80 -11.38
CA TYR C 44 36.92 27.21 -11.00
C TYR C 44 37.29 27.38 -9.54
N ASP C 45 37.85 28.52 -9.16
CA ASP C 45 38.18 28.74 -7.73
C ASP C 45 36.86 28.96 -6.97
N LEU C 46 36.91 28.82 -5.66
CA LEU C 46 35.70 28.81 -4.79
C LEU C 46 35.04 30.19 -4.76
N ASP C 47 35.76 31.26 -5.11
CA ASP C 47 35.20 32.64 -5.10
C ASP C 47 34.41 32.91 -6.40
N SER C 48 34.46 32.03 -7.40
CA SER C 48 33.77 32.22 -8.71
C SER C 48 32.26 32.20 -8.54
N PHE C 49 31.75 31.32 -7.67
CA PHE C 49 30.30 31.01 -7.55
C PHE C 49 29.88 31.08 -6.08
N MET C 50 28.58 30.97 -5.85
CA MET C 50 28.00 30.85 -4.49
C MET C 50 28.35 29.47 -3.94
N ILE C 51 28.95 29.43 -2.76
CA ILE C 51 29.28 28.19 -2.00
C ILE C 51 28.73 28.39 -0.59
N PRO C 52 28.02 27.41 0.01
CA PRO C 52 27.60 27.51 1.42
C PRO C 52 28.84 27.78 2.28
N ALA C 53 28.78 28.81 3.14
CA ALA C 53 29.95 29.35 3.87
C ALA C 53 30.72 28.22 4.57
N HIS C 54 30.01 27.32 5.26
CA HIS C 54 30.60 26.25 6.11
C HIS C 54 31.26 25.17 5.27
N TYR C 55 30.91 25.04 3.98
CA TYR C 55 31.52 24.00 3.10
C TYR C 55 32.84 24.49 2.52
N LYS C 56 33.08 25.80 2.43
CA LYS C 56 34.24 26.36 1.70
C LYS C 56 35.55 25.72 2.18
N LYS C 57 35.72 25.58 3.50
CA LYS C 57 36.99 25.09 4.12
C LYS C 57 37.25 23.62 3.74
N TYR C 58 36.25 22.90 3.21
CA TYR C 58 36.35 21.46 2.92
C TYR C 58 36.42 21.18 1.42
N LEU C 59 36.48 22.23 0.58
CA LEU C 59 36.50 22.06 -0.89
C LEU C 59 37.82 22.61 -1.45
N THR C 60 38.37 21.96 -2.46
CA THR C 60 39.56 22.44 -3.23
C THR C 60 39.10 23.45 -4.28
N LYS C 61 38.09 23.10 -5.07
CA LYS C 61 37.63 23.92 -6.22
C LYS C 61 36.27 23.41 -6.68
N VAL C 62 35.61 24.19 -7.54
CA VAL C 62 34.42 23.75 -8.30
C VAL C 62 34.93 23.03 -9.55
N LEU C 63 34.46 21.82 -9.82
CA LEU C 63 34.80 21.12 -11.07
C LEU C 63 33.79 21.48 -12.16
N VAL C 64 32.51 21.28 -11.87
CA VAL C 64 31.39 21.55 -12.82
C VAL C 64 30.31 22.32 -12.08
N PRO C 65 30.07 23.59 -12.46
CA PRO C 65 29.01 24.39 -11.83
C PRO C 65 27.62 23.79 -12.05
N ASN C 66 26.72 24.06 -11.11
CA ASN C 66 25.30 23.62 -11.12
C ASN C 66 24.68 23.91 -12.49
N GLY C 67 24.87 25.12 -13.01
CA GLY C 67 24.22 25.52 -14.26
C GLY C 67 24.66 24.68 -15.46
N VAL C 68 25.93 24.32 -15.55
CA VAL C 68 26.49 23.49 -16.67
C VAL C 68 25.87 22.10 -16.55
N ILE C 69 25.76 21.59 -15.33
CA ILE C 69 25.15 20.27 -15.05
C ILE C 69 23.71 20.29 -15.57
N LYS C 70 22.92 21.30 -15.17
CA LYS C 70 21.51 21.42 -15.59
C LYS C 70 21.42 21.48 -17.12
N ASN C 71 22.24 22.32 -17.74
CA ASN C 71 22.22 22.50 -19.23
C ASN C 71 22.56 21.17 -19.90
N ARG C 72 23.52 20.42 -19.36
CA ARG C 72 23.93 19.13 -19.94
C ARG C 72 22.79 18.11 -19.81
N ILE C 73 22.10 18.09 -18.66
CA ILE C 73 21.00 17.13 -18.41
C ILE C 73 19.84 17.44 -19.36
N GLU C 74 19.57 18.71 -19.65
CA GLU C 74 18.53 19.08 -20.64
C GLU C 74 18.85 18.40 -21.98
N LYS C 75 20.11 18.45 -22.40
CA LYS C 75 20.53 17.85 -23.69
C LYS C 75 20.46 16.33 -23.59
N LEU C 76 20.83 15.72 -22.46
CA LEU C 76 20.67 14.25 -22.28
C LEU C 76 19.19 13.87 -22.44
N ALA C 77 18.27 14.65 -21.86
CA ALA C 77 16.83 14.37 -21.97
C ALA C 77 16.43 14.39 -23.46
N TYR C 78 16.91 15.37 -24.21
CA TYR C 78 16.68 15.47 -25.68
C TYR C 78 17.20 14.20 -26.36
N ASP C 79 18.43 13.78 -26.04
CA ASP C 79 19.08 12.57 -26.63
C ASP C 79 18.22 11.34 -26.33
N ILE C 80 17.72 11.21 -25.10
CA ILE C 80 16.88 10.06 -24.67
C ILE C 80 15.55 10.09 -25.44
N LYS C 81 14.90 11.25 -25.53
CA LYS C 81 13.62 11.41 -26.28
C LYS C 81 13.85 11.02 -27.75
N LYS C 82 14.98 11.39 -28.35
CA LYS C 82 15.30 11.09 -29.77
C LYS C 82 15.40 9.57 -29.97
N VAL C 83 15.88 8.83 -28.97
CA VAL C 83 16.04 7.35 -29.06
C VAL C 83 14.69 6.66 -28.85
N TYR C 84 13.97 6.98 -27.77
CA TYR C 84 12.74 6.26 -27.36
C TYR C 84 11.54 6.74 -28.20
N ASN C 85 11.60 7.97 -28.71
CA ASN C 85 10.47 8.66 -29.38
C ASN C 85 9.23 8.55 -28.50
N ASN C 86 8.20 7.78 -28.87
CA ASN C 86 6.94 7.67 -28.07
C ASN C 86 6.82 6.30 -27.42
N GLU C 87 7.85 5.47 -27.48
CA GLU C 87 7.84 4.11 -26.89
C GLU C 87 7.88 4.21 -25.35
N GLU C 88 6.90 3.61 -24.69
CA GLU C 88 6.80 3.52 -23.19
C GLU C 88 8.12 2.98 -22.65
N PHE C 89 8.71 3.66 -21.66
CA PHE C 89 9.86 3.12 -20.90
C PHE C 89 9.72 3.48 -19.43
N HIS C 90 10.56 2.87 -18.60
CA HIS C 90 10.49 2.89 -17.13
C HIS C 90 11.85 3.36 -16.61
N ILE C 91 11.84 4.50 -15.94
CA ILE C 91 13.08 5.15 -15.43
C ILE C 91 13.28 4.63 -14.01
N LEU C 92 14.47 4.11 -13.74
CA LEU C 92 14.86 3.53 -12.45
C LEU C 92 15.95 4.41 -11.83
N CYS C 93 15.58 5.16 -10.80
CA CYS C 93 16.46 6.08 -10.03
C CYS C 93 17.26 5.27 -9.00
N LEU C 94 18.59 5.29 -9.10
CA LEU C 94 19.49 4.65 -8.09
C LEU C 94 19.77 5.66 -6.97
N LEU C 95 18.96 5.61 -5.92
CA LEU C 95 19.09 6.47 -4.71
C LEU C 95 20.35 6.07 -3.93
N LYS C 96 20.94 7.02 -3.21
CA LYS C 96 20.45 8.39 -3.05
C LYS C 96 21.15 9.36 -4.00
N GLY C 97 22.34 9.01 -4.52
CA GLY C 97 23.22 9.92 -5.26
C GLY C 97 22.63 10.44 -6.57
N SER C 98 21.69 9.70 -7.18
N SER C 98 21.69 9.70 -7.18
CA SER C 98 21.10 10.04 -8.49
CA SER C 98 21.10 10.04 -8.48
C SER C 98 19.93 11.03 -8.34
C SER C 98 19.93 11.03 -8.34
N ARG C 99 19.59 11.46 -7.12
CA ARG C 99 18.35 12.26 -6.87
C ARG C 99 18.31 13.50 -7.77
N GLY C 100 19.34 14.34 -7.74
CA GLY C 100 19.40 15.58 -8.54
C GLY C 100 19.32 15.29 -10.02
N PHE C 101 20.11 14.33 -10.49
CA PHE C 101 20.17 13.94 -11.93
C PHE C 101 18.78 13.49 -12.39
N PHE C 102 18.18 12.57 -11.65
CA PHE C 102 16.84 11.99 -11.94
C PHE C 102 15.81 13.12 -12.00
N THR C 103 15.82 14.02 -11.01
CA THR C 103 14.86 15.14 -10.92
C THR C 103 14.93 15.98 -12.22
N ALA C 104 16.14 16.37 -12.62
CA ALA C 104 16.37 17.23 -13.80
C ALA C 104 15.97 16.46 -15.08
N LEU C 105 16.28 15.17 -15.16
CA LEU C 105 15.89 14.33 -16.34
C LEU C 105 14.37 14.29 -16.45
N LEU C 106 13.67 14.04 -15.35
CA LEU C 106 12.18 13.99 -15.34
C LEU C 106 11.63 15.34 -15.82
N LYS C 107 12.16 16.44 -15.29
CA LYS C 107 11.71 17.81 -15.64
C LYS C 107 11.81 17.99 -17.16
N HIS C 108 12.99 17.75 -17.72
CA HIS C 108 13.30 18.06 -19.14
C HIS C 108 12.64 17.04 -20.06
N LEU C 109 12.64 15.75 -19.72
CA LEU C 109 11.94 14.72 -20.54
C LEU C 109 10.46 15.08 -20.62
N SER C 110 9.84 15.43 -19.49
CA SER C 110 8.40 15.76 -19.40
C SER C 110 8.10 16.99 -20.26
N ARG C 111 8.92 18.04 -20.15
CA ARG C 111 8.70 19.30 -20.90
C ARG C 111 8.86 19.02 -22.39
N ILE C 112 9.94 18.35 -22.79
CA ILE C 112 10.20 18.05 -24.24
C ILE C 112 9.04 17.21 -24.78
N HIS C 113 8.61 16.17 -24.05
CA HIS C 113 7.53 15.26 -24.49
C HIS C 113 6.20 16.02 -24.56
N ASN C 114 5.86 16.75 -23.49
CA ASN C 114 4.53 17.39 -23.35
C ASN C 114 4.43 18.61 -24.27
N TYR C 115 5.52 19.32 -24.56
CA TYR C 115 5.53 20.48 -25.49
C TYR C 115 5.22 20.00 -26.91
N SER C 116 5.64 18.78 -27.26
CA SER C 116 5.47 18.23 -28.64
C SER C 116 4.19 17.36 -28.75
N ALA C 117 3.49 17.13 -27.64
CA ALA C 117 2.34 16.20 -27.57
C ALA C 117 1.14 16.75 -28.33
N VAL C 118 0.34 15.84 -28.89
CA VAL C 118 -0.95 16.14 -29.55
C VAL C 118 -2.04 15.38 -28.78
N GLU C 119 -3.31 15.61 -29.11
CA GLU C 119 -4.48 15.06 -28.37
C GLU C 119 -4.43 13.52 -28.36
N THR C 120 -3.81 12.89 -29.36
CA THR C 120 -3.72 11.41 -29.49
C THR C 120 -2.42 10.85 -28.88
N SER C 121 -1.56 11.71 -28.31
CA SER C 121 -0.30 11.27 -27.64
C SER C 121 -0.62 10.43 -26.39
N LYS C 122 0.41 9.82 -25.80
CA LYS C 122 0.30 9.00 -24.56
C LYS C 122 1.44 9.41 -23.64
N PRO C 123 1.34 9.12 -22.33
CA PRO C 123 2.47 9.34 -21.42
C PRO C 123 3.73 8.59 -21.91
N LEU C 124 4.92 9.11 -21.62
CA LEU C 124 6.19 8.56 -22.13
C LEU C 124 6.77 7.51 -21.17
N PHE C 125 6.77 7.77 -19.86
CA PHE C 125 7.58 6.92 -18.92
C PHE C 125 6.91 6.73 -17.57
N GLY C 126 7.20 5.59 -16.95
CA GLY C 126 6.99 5.31 -15.51
C GLY C 126 8.24 5.67 -14.74
N GLU C 127 8.10 5.87 -13.43
CA GLU C 127 9.23 6.28 -12.56
C GLU C 127 9.30 5.30 -11.38
N HIS C 128 10.50 4.82 -11.08
CA HIS C 128 10.75 3.75 -10.10
C HIS C 128 12.03 4.08 -9.32
N TYR C 129 12.13 3.55 -8.10
CA TYR C 129 13.26 3.88 -7.18
C TYR C 129 13.86 2.60 -6.62
N VAL C 130 15.17 2.54 -6.61
CA VAL C 130 15.96 1.48 -5.92
C VAL C 130 17.05 2.19 -5.12
N ARG C 131 17.20 1.83 -3.86
CA ARG C 131 18.30 2.31 -2.99
C ARG C 131 19.43 1.28 -3.16
N VAL C 132 20.59 1.73 -3.62
CA VAL C 132 21.81 0.88 -3.78
C VAL C 132 22.92 1.55 -2.97
N LYS C 133 23.75 0.77 -2.28
CA LYS C 133 24.79 1.34 -1.38
C LYS C 133 26.02 0.43 -1.42
N SER C 134 27.21 1.02 -1.54
CA SER C 134 28.48 0.26 -1.58
C SER C 134 29.67 1.03 -1.00
N TYR C 135 29.60 2.35 -0.84
CA TYR C 135 30.79 3.15 -0.46
C TYR C 135 30.81 3.41 1.05
N CYS C 136 32.02 3.48 1.57
CA CYS C 136 32.35 4.02 2.91
C CYS C 136 33.49 5.01 2.71
N ASN C 137 33.34 6.24 3.18
CA ASN C 137 34.29 7.33 2.87
C ASN C 137 34.35 7.44 1.34
N ASP C 138 35.55 7.37 0.75
CA ASP C 138 35.77 7.61 -0.70
C ASP C 138 36.11 6.28 -1.40
N GLN C 139 35.74 5.14 -0.82
CA GLN C 139 36.13 3.81 -1.37
C GLN C 139 34.93 2.87 -1.37
N SER C 140 34.81 2.09 -2.46
CA SER C 140 33.88 0.94 -2.56
C SER C 140 34.28 -0.13 -1.53
N THR C 141 33.31 -0.64 -0.78
CA THR C 141 33.49 -1.80 0.13
C THR C 141 33.55 -3.09 -0.71
N GLY C 142 33.16 -3.04 -1.99
CA GLY C 142 33.10 -4.23 -2.87
C GLY C 142 31.85 -5.06 -2.63
N THR C 143 30.93 -4.59 -1.77
CA THR C 143 29.66 -5.27 -1.41
C THR C 143 28.49 -4.35 -1.75
N LEU C 144 27.47 -4.84 -2.46
CA LEU C 144 26.33 -4.00 -2.93
C LEU C 144 25.07 -4.34 -2.15
N GLU C 145 24.56 -3.38 -1.38
CA GLU C 145 23.24 -3.49 -0.69
C GLU C 145 22.17 -2.92 -1.61
N ILE C 146 21.05 -3.61 -1.84
CA ILE C 146 19.89 -3.01 -2.57
C ILE C 146 18.62 -3.17 -1.76
N VAL C 147 17.76 -2.14 -1.84
CA VAL C 147 16.36 -2.10 -1.33
C VAL C 147 15.48 -1.53 -2.45
N SER C 148 14.50 -2.28 -2.95
CA SER C 148 13.55 -1.79 -3.99
C SER C 148 12.12 -2.26 -3.73
N GLU C 149 11.15 -1.57 -4.31
CA GLU C 149 9.81 -2.10 -4.72
C GLU C 149 10.07 -3.32 -5.60
N ASP C 150 9.15 -4.29 -5.67
CA ASP C 150 9.35 -5.56 -6.41
C ASP C 150 9.60 -5.24 -7.90
N LEU C 151 10.78 -5.61 -8.41
CA LEU C 151 11.26 -5.29 -9.78
C LEU C 151 10.73 -6.30 -10.81
N SER C 152 9.98 -7.32 -10.39
CA SER C 152 9.32 -8.28 -11.31
C SER C 152 8.29 -7.54 -12.19
N CYS C 153 7.78 -6.39 -11.70
CA CYS C 153 6.84 -5.51 -12.42
C CYS C 153 7.48 -4.95 -13.71
N LEU C 154 8.81 -4.99 -13.84
CA LEU C 154 9.53 -4.50 -15.05
C LEU C 154 9.68 -5.60 -16.10
N LYS C 155 9.21 -6.83 -15.84
CA LYS C 155 9.15 -7.90 -16.87
C LYS C 155 8.55 -7.33 -18.15
N GLY C 156 9.25 -7.50 -19.28
CA GLY C 156 8.81 -7.12 -20.63
C GLY C 156 8.78 -5.61 -20.85
N LYS C 157 9.41 -4.82 -19.97
CA LYS C 157 9.44 -3.34 -20.07
C LYS C 157 10.81 -2.88 -20.60
N HIS C 158 10.84 -1.74 -21.28
CA HIS C 158 12.08 -0.96 -21.54
C HIS C 158 12.47 -0.26 -20.25
N VAL C 159 13.66 -0.49 -19.75
CA VAL C 159 14.16 0.13 -18.50
C VAL C 159 15.32 1.05 -18.83
N LEU C 160 15.28 2.26 -18.30
CA LEU C 160 16.41 3.22 -18.32
C LEU C 160 16.89 3.40 -16.88
N ILE C 161 18.07 2.89 -16.57
CA ILE C 161 18.71 3.07 -15.25
C ILE C 161 19.30 4.49 -15.23
N VAL C 162 19.02 5.24 -14.17
CA VAL C 162 19.55 6.61 -13.97
C VAL C 162 20.51 6.57 -12.78
N GLU C 163 21.79 6.79 -13.06
CA GLU C 163 22.89 6.66 -12.08
C GLU C 163 23.70 7.95 -12.08
N ASP C 164 24.23 8.34 -10.92
CA ASP C 164 25.02 9.57 -10.75
C ASP C 164 26.41 9.41 -11.36
N ILE C 165 27.14 8.35 -11.00
CA ILE C 165 28.58 8.25 -11.39
C ILE C 165 28.96 6.77 -11.58
N ILE C 166 29.73 6.52 -12.65
CA ILE C 166 30.49 5.26 -12.85
C ILE C 166 31.93 5.56 -12.44
N ASP C 167 32.48 4.75 -11.54
CA ASP C 167 33.84 4.94 -10.99
C ASP C 167 34.59 3.61 -11.21
N THR C 168 34.43 2.67 -10.30
CA THR C 168 34.99 1.29 -10.44
C THR C 168 34.17 0.53 -11.49
N GLY C 169 32.88 0.88 -11.65
CA GLY C 169 31.93 0.12 -12.46
C GLY C 169 31.32 -1.06 -11.71
N LYS C 170 31.63 -1.23 -10.42
CA LYS C 170 31.18 -2.41 -9.64
C LYS C 170 29.66 -2.33 -9.41
N THR C 171 29.13 -1.16 -9.08
CA THR C 171 27.67 -1.00 -8.79
C THR C 171 26.88 -1.49 -10.00
N LEU C 172 27.19 -0.96 -11.19
CA LEU C 172 26.32 -1.22 -12.36
C LEU C 172 26.54 -2.64 -12.90
N VAL C 173 27.77 -3.15 -12.87
N VAL C 173 27.77 -3.15 -12.87
CA VAL C 173 28.02 -4.54 -13.34
CA VAL C 173 28.03 -4.54 -13.34
C VAL C 173 27.21 -5.50 -12.48
C VAL C 173 27.21 -5.50 -12.48
N LYS C 174 27.24 -5.32 -11.15
CA LYS C 174 26.52 -6.19 -10.19
C LYS C 174 25.02 -5.98 -10.34
N PHE C 175 24.56 -4.73 -10.43
CA PHE C 175 23.10 -4.46 -10.49
C PHE C 175 22.52 -4.98 -11.82
N CYS C 176 23.23 -4.79 -12.94
CA CYS C 176 22.74 -5.23 -14.28
C CYS C 176 22.70 -6.76 -14.34
N GLU C 177 23.66 -7.44 -13.71
CA GLU C 177 23.69 -8.93 -13.61
C GLU C 177 22.44 -9.36 -12.84
N TYR C 178 22.12 -8.70 -11.73
CA TYR C 178 20.93 -8.99 -10.87
C TYR C 178 19.63 -8.82 -11.68
N LEU C 179 19.53 -7.78 -12.50
CA LEU C 179 18.32 -7.47 -13.29
C LEU C 179 18.00 -8.56 -14.33
N LYS C 180 19.01 -9.30 -14.81
CA LYS C 180 18.84 -10.38 -15.84
C LYS C 180 17.75 -11.38 -15.43
N LYS C 181 17.57 -11.60 -14.15
CA LYS C 181 16.61 -12.58 -13.56
C LYS C 181 15.16 -12.22 -13.96
N PHE C 182 14.86 -10.94 -14.22
CA PHE C 182 13.47 -10.43 -14.20
C PHE C 182 12.88 -10.35 -15.61
N GLU C 183 13.63 -10.76 -16.63
CA GLU C 183 13.14 -10.86 -18.03
C GLU C 183 12.61 -9.50 -18.49
N ILE C 184 13.40 -8.46 -18.25
CA ILE C 184 13.15 -7.07 -18.70
C ILE C 184 13.39 -7.05 -20.21
N LYS C 185 12.65 -6.24 -20.98
CA LYS C 185 12.75 -6.24 -22.45
C LYS C 185 14.07 -5.60 -22.88
N THR C 186 14.40 -4.40 -22.37
CA THR C 186 15.72 -3.77 -22.60
C THR C 186 16.21 -3.10 -21.33
N VAL C 187 17.53 -3.02 -21.17
CA VAL C 187 18.18 -2.24 -20.09
C VAL C 187 19.17 -1.28 -20.75
N ALA C 188 18.90 0.02 -20.60
CA ALA C 188 19.78 1.10 -21.04
C ALA C 188 20.22 1.88 -19.79
N ILE C 189 21.38 2.53 -19.86
N ILE C 189 21.39 2.52 -19.85
CA ILE C 189 21.97 3.26 -18.71
CA ILE C 189 21.97 3.25 -18.69
C ILE C 189 22.21 4.72 -19.09
C ILE C 189 22.22 4.71 -19.08
N ALA C 190 21.67 5.63 -18.29
CA ALA C 190 22.01 7.08 -18.31
C ALA C 190 22.84 7.37 -17.07
N CYS C 191 24.00 7.99 -17.24
CA CYS C 191 24.95 8.28 -16.15
C CYS C 191 25.44 9.72 -16.26
N LEU C 192 25.41 10.49 -15.18
CA LEU C 192 25.78 11.91 -15.23
C LEU C 192 27.30 12.04 -15.39
N PHE C 193 28.06 11.34 -14.56
CA PHE C 193 29.54 11.43 -14.52
C PHE C 193 30.17 10.05 -14.77
N ILE C 194 31.26 10.02 -15.52
CA ILE C 194 32.14 8.81 -15.61
C ILE C 194 33.56 9.26 -15.30
N LYS C 195 34.23 8.56 -14.39
CA LYS C 195 35.55 8.99 -13.85
C LYS C 195 36.68 8.27 -14.60
N ARG C 196 37.67 9.03 -15.04
CA ARG C 196 38.88 8.47 -15.70
C ARG C 196 39.81 7.93 -14.62
N THR C 197 39.49 6.75 -14.10
CA THR C 197 40.24 6.10 -12.99
C THR C 197 40.79 4.77 -13.48
N PRO C 198 42.01 4.39 -13.07
CA PRO C 198 42.54 3.07 -13.40
C PRO C 198 41.75 1.92 -12.76
N LEU C 199 40.89 2.21 -11.78
CA LEU C 199 40.04 1.19 -11.08
C LEU C 199 38.88 0.74 -11.98
N TRP C 200 38.60 1.45 -13.07
CA TRP C 200 37.41 1.23 -13.94
C TRP C 200 37.45 -0.17 -14.56
N ASN C 201 36.33 -0.91 -14.49
CA ASN C 201 36.21 -2.31 -14.98
C ASN C 201 35.70 -2.33 -16.43
N GLY C 202 35.52 -1.17 -17.08
CA GLY C 202 35.12 -1.10 -18.50
C GLY C 202 33.62 -0.91 -18.70
N PHE C 203 32.81 -0.85 -17.63
CA PHE C 203 31.34 -0.66 -17.75
C PHE C 203 31.06 0.73 -18.36
N LYS C 204 30.37 0.76 -19.50
CA LYS C 204 30.00 1.98 -20.26
C LYS C 204 28.49 2.21 -20.21
N ALA C 205 28.07 3.47 -20.04
CA ALA C 205 26.64 3.85 -20.09
C ALA C 205 26.25 4.17 -21.54
N ASP C 206 24.96 4.26 -21.82
CA ASP C 206 24.40 4.56 -23.16
C ASP C 206 24.22 6.07 -23.35
N PHE C 207 23.99 6.81 -22.26
CA PHE C 207 23.86 8.28 -22.25
C PHE C 207 24.73 8.81 -21.12
N VAL C 208 25.70 9.66 -21.42
CA VAL C 208 26.71 10.12 -20.42
C VAL C 208 26.82 11.64 -20.44
N GLY C 209 26.73 12.27 -19.26
CA GLY C 209 26.85 13.73 -19.13
C GLY C 209 28.29 14.21 -19.34
N PHE C 210 29.19 13.79 -18.46
CA PHE C 210 30.58 14.33 -18.33
C PHE C 210 31.57 13.19 -18.07
N SER C 211 32.73 13.26 -18.73
CA SER C 211 33.94 12.49 -18.33
C SER C 211 34.80 13.39 -17.44
N ILE C 212 35.12 12.92 -16.23
CA ILE C 212 35.80 13.76 -15.20
C ILE C 212 37.12 13.11 -14.80
N PRO C 213 38.09 13.92 -14.33
CA PRO C 213 39.35 13.39 -13.85
C PRO C 213 39.20 12.58 -12.55
N ASP C 214 40.28 11.90 -12.18
CA ASP C 214 40.31 10.94 -11.05
C ASP C 214 40.42 11.70 -9.72
N HIS C 215 39.31 12.29 -9.26
CA HIS C 215 39.19 12.97 -7.95
C HIS C 215 37.81 12.65 -7.37
N PHE C 216 37.71 12.53 -6.05
CA PHE C 216 36.42 12.28 -5.36
C PHE C 216 35.61 13.58 -5.38
N VAL C 217 34.49 13.56 -6.11
CA VAL C 217 33.63 14.75 -6.29
C VAL C 217 32.51 14.69 -5.25
N VAL C 218 32.01 15.85 -4.87
CA VAL C 218 30.80 15.97 -3.99
C VAL C 218 29.90 17.04 -4.58
N GLY C 219 28.64 17.02 -4.18
CA GLY C 219 27.63 18.00 -4.64
C GLY C 219 26.71 17.41 -5.68
N TYR C 220 25.66 18.13 -6.00
CA TYR C 220 24.59 17.68 -6.93
C TYR C 220 24.10 16.28 -6.51
N SER C 221 23.86 16.10 -5.21
CA SER C 221 23.36 14.86 -4.55
C SER C 221 24.47 13.86 -4.24
N LEU C 222 25.69 14.02 -4.76
CA LEU C 222 26.81 13.09 -4.46
C LEU C 222 27.41 13.45 -3.10
N ASP C 223 27.50 12.46 -2.21
CA ASP C 223 27.87 12.69 -0.78
C ASP C 223 29.27 12.16 -0.46
N TYR C 224 29.81 12.67 0.64
CA TYR C 224 30.88 12.01 1.44
C TYR C 224 30.27 11.72 2.81
N ASN C 225 29.95 10.45 3.07
CA ASN C 225 29.30 9.98 4.33
C ASN C 225 28.10 10.87 4.65
N GLU C 226 27.23 11.08 3.66
CA GLU C 226 25.92 11.79 3.74
C GLU C 226 26.10 13.32 3.77
N ILE C 227 27.33 13.83 3.72
CA ILE C 227 27.59 15.30 3.70
C ILE C 227 27.68 15.75 2.24
N PHE C 228 27.30 17.01 1.96
CA PHE C 228 27.51 17.75 0.69
C PHE C 228 26.45 17.41 -0.37
N ARG C 229 25.40 16.64 -0.08
CA ARG C 229 24.38 16.36 -1.12
C ARG C 229 23.70 17.65 -1.58
N ASP C 230 23.57 18.63 -0.67
CA ASP C 230 22.87 19.91 -0.91
C ASP C 230 23.74 20.91 -1.67
N LEU C 231 25.06 20.66 -1.75
CA LEU C 231 25.98 21.56 -2.49
C LEU C 231 25.55 21.55 -3.97
N ASP C 232 25.26 22.72 -4.54
CA ASP C 232 24.63 22.82 -5.88
C ASP C 232 25.64 22.47 -6.99
N HIS C 233 26.93 22.71 -6.75
CA HIS C 233 28.01 22.52 -7.75
C HIS C 233 28.71 21.19 -7.50
N CYS C 234 29.22 20.56 -8.55
CA CYS C 234 30.13 19.41 -8.47
C CYS C 234 31.53 19.94 -8.10
N CYS C 235 31.99 19.64 -6.89
CA CYS C 235 33.25 20.19 -6.31
C CYS C 235 34.18 19.05 -5.90
N LEU C 236 35.47 19.34 -5.77
CA LEU C 236 36.45 18.37 -5.21
C LEU C 236 36.53 18.58 -3.70
N VAL C 237 36.26 17.55 -2.93
CA VAL C 237 36.40 17.58 -1.44
C VAL C 237 37.90 17.49 -1.13
N ASN C 238 38.38 18.31 -0.21
CA ASN C 238 39.83 18.36 0.15
C ASN C 238 40.08 17.32 1.25
N ASP C 239 41.35 17.14 1.60
CA ASP C 239 41.77 16.11 2.59
C ASP C 239 41.21 16.48 3.97
N GLU C 240 41.08 17.77 4.28
CA GLU C 240 40.48 18.22 5.57
C GLU C 240 39.02 17.78 5.64
N GLY C 241 38.28 17.86 4.54
CA GLY C 241 36.88 17.38 4.47
C GLY C 241 36.81 15.88 4.66
N LYS C 242 37.70 15.15 3.99
CA LYS C 242 37.73 13.66 4.05
C LYS C 242 38.03 13.24 5.49
N LYS C 243 38.90 13.98 6.18
CA LYS C 243 39.31 13.68 7.58
C LYS C 243 38.15 14.02 8.52
N LYS C 244 37.61 15.23 8.42
CA LYS C 244 36.53 15.75 9.29
C LYS C 244 35.34 14.78 9.30
N TYR C 245 34.92 14.31 8.12
CA TYR C 245 33.64 13.58 7.94
C TYR C 245 33.89 12.08 7.74
N LYS C 246 35.11 11.60 8.03
CA LYS C 246 35.47 10.16 7.95
C LYS C 246 34.47 9.36 8.82
N ALA C 247 34.05 8.19 8.34
CA ALA C 247 33.05 7.33 9.02
C ALA C 247 33.65 6.80 10.33
N THR C 248 32.90 6.89 11.43
CA THR C 248 33.30 6.51 12.81
C THR C 248 32.38 5.39 13.31
N GLY D 17 -17.01 13.55 -3.94
CA GLY D 17 -16.16 12.89 -4.98
C GLY D 17 -15.47 11.62 -4.50
N SER D 18 -15.50 11.32 -3.19
CA SER D 18 -14.77 10.18 -2.56
C SER D 18 -15.39 8.84 -2.98
N HIS D 19 -14.54 7.84 -3.27
CA HIS D 19 -14.94 6.43 -3.53
C HIS D 19 -15.17 5.73 -2.18
N MET D 20 -16.43 5.42 -1.87
CA MET D 20 -16.84 4.97 -0.51
C MET D 20 -16.43 3.53 -0.29
N PRO D 21 -15.88 3.18 0.90
CA PRO D 21 -15.48 1.82 1.21
C PRO D 21 -16.67 0.92 1.53
N ILE D 22 -16.49 -0.41 1.56
CA ILE D 22 -17.53 -1.35 2.08
C ILE D 22 -17.80 -1.01 3.53
N PRO D 23 -19.08 -0.72 3.90
CA PRO D 23 -19.39 -0.37 5.28
C PRO D 23 -19.08 -1.52 6.24
N ASN D 24 -18.62 -1.18 7.44
CA ASN D 24 -18.24 -2.21 8.45
C ASN D 24 -18.47 -1.67 9.86
N ASN D 25 -19.54 -0.92 10.08
CA ASN D 25 -19.88 -0.34 11.41
C ASN D 25 -21.40 -0.36 11.52
N PRO D 26 -22.01 -1.55 11.67
CA PRO D 26 -23.47 -1.69 11.57
C PRO D 26 -24.19 -0.84 12.63
N GLY D 27 -25.07 0.05 12.15
CA GLY D 27 -25.85 0.98 12.98
C GLY D 27 -25.29 2.39 12.96
N ALA D 28 -24.05 2.59 12.49
CA ALA D 28 -23.39 3.91 12.45
C ALA D 28 -23.75 4.65 11.16
N GLY D 29 -24.07 3.92 10.07
CA GLY D 29 -24.29 4.54 8.75
C GLY D 29 -23.18 5.55 8.46
N GLU D 30 -21.93 5.14 8.67
CA GLU D 30 -20.73 6.01 8.81
C GLU D 30 -20.65 7.00 7.63
N ASN D 31 -20.82 6.49 6.41
CA ASN D 31 -20.61 7.28 5.17
C ASN D 31 -21.88 7.25 4.31
N ALA D 32 -23.04 7.06 4.91
CA ALA D 32 -24.34 6.93 4.19
C ALA D 32 -24.68 8.26 3.51
N PHE D 33 -25.13 8.18 2.26
CA PHE D 33 -25.72 9.33 1.54
C PHE D 33 -27.11 9.58 2.11
N ASP D 34 -27.54 10.84 2.09
CA ASP D 34 -28.87 11.27 2.58
C ASP D 34 -29.95 10.58 1.75
N PRO D 35 -31.05 10.14 2.38
CA PRO D 35 -32.17 9.58 1.63
C PRO D 35 -33.00 10.70 0.99
N VAL D 36 -33.91 10.31 0.10
CA VAL D 36 -35.01 11.21 -0.35
C VAL D 36 -35.82 11.61 0.88
N PHE D 37 -35.96 12.92 1.11
CA PHE D 37 -36.68 13.44 2.28
C PHE D 37 -38.15 13.64 1.93
N VAL D 38 -39.02 12.84 2.53
CA VAL D 38 -40.49 12.96 2.37
C VAL D 38 -41.00 13.87 3.49
N ASN D 39 -41.48 15.06 3.13
CA ASN D 39 -41.93 16.09 4.10
C ASN D 39 -43.20 15.60 4.81
N ASP D 40 -43.48 16.16 5.98
CA ASP D 40 -44.65 15.84 6.83
C ASP D 40 -45.95 15.96 6.01
N ASP D 41 -46.02 16.95 5.10
N ASP D 41 -46.01 16.95 5.10
CA ASP D 41 -47.26 17.28 4.34
CA ASP D 41 -47.25 17.29 4.33
C ASP D 41 -47.21 16.69 2.92
C ASP D 41 -47.16 16.76 2.89
N ASP D 42 -46.17 15.92 2.57
CA ASP D 42 -46.03 15.35 1.21
C ASP D 42 -47.09 14.25 0.99
N GLY D 43 -47.43 14.00 -0.27
CA GLY D 43 -48.30 12.89 -0.65
C GLY D 43 -49.34 13.28 -1.68
N TYR D 44 -50.25 12.36 -1.96
CA TYR D 44 -51.18 12.42 -3.11
C TYR D 44 -52.54 11.90 -2.66
N ASP D 45 -53.61 12.46 -3.20
CA ASP D 45 -54.96 11.96 -2.84
C ASP D 45 -55.15 10.60 -3.53
N LEU D 46 -56.15 9.86 -3.08
CA LEU D 46 -56.34 8.44 -3.47
C LEU D 46 -56.82 8.36 -4.93
N ASP D 47 -57.33 9.44 -5.51
CA ASP D 47 -57.79 9.45 -6.94
C ASP D 47 -56.63 9.67 -7.90
N SER D 48 -55.43 10.01 -7.42
CA SER D 48 -54.24 10.31 -8.28
C SER D 48 -53.77 9.07 -9.04
N PHE D 49 -53.81 7.92 -8.38
CA PHE D 49 -53.19 6.66 -8.88
C PHE D 49 -54.20 5.53 -8.73
N MET D 50 -53.84 4.36 -9.27
CA MET D 50 -54.63 3.11 -9.10
C MET D 50 -54.51 2.66 -7.64
N ILE D 51 -55.67 2.48 -6.98
CA ILE D 51 -55.77 1.92 -5.60
C ILE D 51 -56.79 0.79 -5.67
N PRO D 52 -56.53 -0.39 -5.07
CA PRO D 52 -57.54 -1.45 -5.02
C PRO D 52 -58.80 -0.90 -4.34
N ALA D 53 -59.96 -1.08 -4.97
CA ALA D 53 -61.22 -0.42 -4.59
C ALA D 53 -61.51 -0.62 -3.10
N HIS D 54 -61.35 -1.84 -2.60
CA HIS D 54 -61.69 -2.24 -1.20
C HIS D 54 -60.73 -1.61 -0.18
N TYR D 55 -59.54 -1.19 -0.59
CA TYR D 55 -58.56 -0.58 0.35
C TYR D 55 -58.84 0.92 0.53
N LYS D 56 -59.49 1.56 -0.43
CA LYS D 56 -59.61 3.05 -0.47
C LYS D 56 -60.15 3.59 0.85
N LYS D 57 -61.20 2.96 1.41
CA LYS D 57 -61.90 3.45 2.63
C LYS D 57 -60.98 3.37 3.86
N TYR D 58 -59.86 2.65 3.78
CA TYR D 58 -58.95 2.39 4.93
C TYR D 58 -57.65 3.17 4.80
N LEU D 59 -57.52 4.02 3.77
CA LEU D 59 -56.27 4.80 3.53
C LEU D 59 -56.59 6.29 3.63
N THR D 60 -55.67 7.06 4.20
CA THR D 60 -55.74 8.54 4.26
C THR D 60 -55.28 9.12 2.93
N LYS D 61 -54.11 8.67 2.45
CA LYS D 61 -53.46 9.24 1.25
C LYS D 61 -52.34 8.29 0.81
N VAL D 62 -51.83 8.52 -0.38
CA VAL D 62 -50.56 7.92 -0.86
C VAL D 62 -49.43 8.81 -0.35
N LEU D 63 -48.44 8.23 0.31
CA LEU D 63 -47.25 8.98 0.76
C LEU D 63 -46.18 8.94 -0.33
N VAL D 64 -45.83 7.75 -0.80
CA VAL D 64 -44.81 7.54 -1.87
C VAL D 64 -45.37 6.57 -2.89
N PRO D 65 -45.62 7.01 -4.14
CA PRO D 65 -46.12 6.12 -5.19
C PRO D 65 -45.14 4.98 -5.51
N ASN D 66 -45.68 3.84 -5.97
CA ASN D 66 -44.93 2.64 -6.42
C ASN D 66 -43.78 3.05 -7.32
N GLY D 67 -44.04 3.91 -8.30
CA GLY D 67 -43.04 4.26 -9.31
C GLY D 67 -41.83 4.98 -8.73
N VAL D 68 -42.04 5.88 -7.76
CA VAL D 68 -40.95 6.63 -7.07
C VAL D 68 -40.12 5.62 -6.27
N ILE D 69 -40.80 4.69 -5.62
CA ILE D 69 -40.11 3.62 -4.83
C ILE D 69 -39.21 2.84 -5.77
N LYS D 70 -39.73 2.37 -6.90
CA LYS D 70 -38.96 1.56 -7.87
C LYS D 70 -37.76 2.39 -8.37
N ASN D 71 -37.99 3.64 -8.75
CA ASN D 71 -36.92 4.52 -9.28
C ASN D 71 -35.83 4.71 -8.21
N ARG D 72 -36.23 4.90 -6.95
CA ARG D 72 -35.26 5.08 -5.85
C ARG D 72 -34.45 3.80 -5.65
N ILE D 73 -35.09 2.63 -5.70
CA ILE D 73 -34.39 1.33 -5.48
C ILE D 73 -33.37 1.11 -6.60
N GLU D 74 -33.70 1.48 -7.84
CA GLU D 74 -32.72 1.36 -8.96
C GLU D 74 -31.45 2.16 -8.59
N LYS D 75 -31.63 3.36 -8.04
CA LYS D 75 -30.47 4.23 -7.68
C LYS D 75 -29.72 3.61 -6.48
N LEU D 76 -30.43 3.05 -5.51
CA LEU D 76 -29.77 2.34 -4.38
C LEU D 76 -28.92 1.19 -4.92
N ALA D 77 -29.42 0.42 -5.90
CA ALA D 77 -28.65 -0.71 -6.48
C ALA D 77 -27.38 -0.17 -7.11
N TYR D 78 -27.46 0.95 -7.83
CA TYR D 78 -26.29 1.64 -8.42
C TYR D 78 -25.30 2.01 -7.32
N ASP D 79 -25.79 2.63 -6.24
CA ASP D 79 -24.94 3.06 -5.09
C ASP D 79 -24.23 1.83 -4.49
N ILE D 80 -24.94 0.71 -4.34
CA ILE D 80 -24.38 -0.54 -3.77
C ILE D 80 -23.32 -1.11 -4.71
N LYS D 81 -23.59 -1.17 -6.02
CA LYS D 81 -22.62 -1.67 -7.02
C LYS D 81 -21.35 -0.79 -6.99
N LYS D 82 -21.52 0.53 -6.84
CA LYS D 82 -20.36 1.48 -6.83
C LYS D 82 -19.46 1.20 -5.62
N VAL D 83 -20.05 0.77 -4.51
CA VAL D 83 -19.31 0.49 -3.24
C VAL D 83 -18.62 -0.87 -3.33
N TYR D 84 -19.34 -1.95 -3.70
CA TYR D 84 -18.81 -3.33 -3.65
C TYR D 84 -17.94 -3.61 -4.87
N ASN D 85 -18.18 -2.88 -5.97
CA ASN D 85 -17.53 -3.13 -7.29
C ASN D 85 -17.73 -4.62 -7.64
N ASN D 86 -16.66 -5.44 -7.66
CA ASN D 86 -16.76 -6.88 -8.03
C ASN D 86 -16.51 -7.77 -6.82
N GLU D 87 -16.44 -7.20 -5.61
CA GLU D 87 -16.22 -7.98 -4.36
C GLU D 87 -17.49 -8.78 -4.04
N GLU D 88 -17.35 -10.11 -3.91
CA GLU D 88 -18.45 -11.04 -3.53
C GLU D 88 -19.09 -10.53 -2.24
N PHE D 89 -20.43 -10.43 -2.21
CA PHE D 89 -21.18 -10.19 -0.97
C PHE D 89 -22.44 -11.04 -0.94
N HIS D 90 -23.10 -11.06 0.20
CA HIS D 90 -24.23 -11.97 0.52
C HIS D 90 -25.39 -11.11 1.02
N ILE D 91 -26.48 -11.12 0.26
CA ILE D 91 -27.67 -10.27 0.56
C ILE D 91 -28.60 -11.09 1.43
N LEU D 92 -28.99 -10.51 2.57
CA LEU D 92 -29.83 -11.16 3.60
C LEU D 92 -31.17 -10.41 3.67
N CYS D 93 -32.22 -11.04 3.15
CA CYS D 93 -33.60 -10.51 3.09
C CYS D 93 -34.30 -10.77 4.43
N LEU D 94 -34.73 -9.70 5.12
N LEU D 94 -34.73 -9.70 5.12
CA LEU D 94 -35.53 -9.80 6.36
CA LEU D 94 -35.53 -9.80 6.36
C LEU D 94 -37.01 -9.90 5.99
C LEU D 94 -37.01 -9.91 5.99
N LEU D 95 -37.52 -11.13 5.91
CA LEU D 95 -38.94 -11.42 5.60
C LEU D 95 -39.80 -11.00 6.80
N LYS D 96 -41.07 -10.64 6.55
CA LYS D 96 -41.72 -10.67 5.25
C LYS D 96 -41.72 -9.30 4.56
N GLY D 97 -41.58 -8.22 5.33
CA GLY D 97 -41.81 -6.84 4.85
C GLY D 97 -40.82 -6.38 3.78
N SER D 98 -39.63 -6.98 3.72
N SER D 98 -39.64 -6.98 3.73
CA SER D 98 -38.54 -6.57 2.79
CA SER D 98 -38.55 -6.57 2.79
C SER D 98 -38.75 -7.18 1.39
C SER D 98 -38.75 -7.17 1.39
N ARG D 99 -39.80 -7.98 1.17
CA ARG D 99 -39.95 -8.79 -0.08
C ARG D 99 -39.84 -7.90 -1.32
N GLY D 100 -40.66 -6.87 -1.43
CA GLY D 100 -40.68 -5.97 -2.60
C GLY D 100 -39.34 -5.28 -2.79
N PHE D 101 -38.79 -4.73 -1.71
CA PHE D 101 -37.49 -4.02 -1.74
C PHE D 101 -36.39 -4.96 -2.25
N PHE D 102 -36.28 -6.13 -1.64
CA PHE D 102 -35.27 -7.17 -1.97
C PHE D 102 -35.40 -7.55 -3.43
N THR D 103 -36.63 -7.81 -3.89
CA THR D 103 -36.91 -8.21 -5.29
C THR D 103 -36.34 -7.17 -6.26
N ALA D 104 -36.66 -5.89 -6.03
CA ALA D 104 -36.26 -4.77 -6.91
C ALA D 104 -34.73 -4.59 -6.84
N LEU D 105 -34.13 -4.73 -5.66
N LEU D 105 -34.14 -4.74 -5.67
CA LEU D 105 -32.65 -4.62 -5.50
CA LEU D 105 -32.66 -4.62 -5.49
C LEU D 105 -31.98 -5.74 -6.31
C LEU D 105 -31.97 -5.73 -6.28
N LEU D 106 -32.45 -6.98 -6.19
CA LEU D 106 -31.88 -8.13 -6.93
C LEU D 106 -31.96 -7.85 -8.43
N LYS D 107 -33.12 -7.40 -8.90
CA LYS D 107 -33.35 -7.11 -10.34
C LYS D 107 -32.30 -6.11 -10.84
N HIS D 108 -32.18 -4.97 -10.16
CA HIS D 108 -31.32 -3.85 -10.63
C HIS D 108 -29.85 -4.18 -10.39
N LEU D 109 -29.47 -4.78 -9.25
CA LEU D 109 -28.07 -5.19 -9.01
C LEU D 109 -27.62 -6.18 -10.09
N SER D 110 -28.45 -7.17 -10.40
CA SER D 110 -28.15 -8.22 -11.39
C SER D 110 -27.95 -7.58 -12.76
N ARG D 111 -28.86 -6.68 -13.16
CA ARG D 111 -28.79 -6.03 -14.48
C ARG D 111 -27.52 -5.16 -14.56
N ILE D 112 -27.28 -4.34 -13.55
CA ILE D 112 -26.11 -3.41 -13.54
C ILE D 112 -24.83 -4.26 -13.60
N HIS D 113 -24.74 -5.31 -12.79
CA HIS D 113 -23.53 -6.18 -12.74
C HIS D 113 -23.36 -6.92 -14.07
N ASN D 114 -24.42 -7.56 -14.56
CA ASN D 114 -24.33 -8.47 -15.72
C ASN D 114 -24.16 -7.67 -17.02
N TYR D 115 -24.71 -6.43 -17.10
CA TYR D 115 -24.52 -5.53 -18.27
C TYR D 115 -23.03 -5.17 -18.42
N SER D 116 -22.30 -5.02 -17.30
N SER D 116 -22.31 -5.03 -17.30
CA SER D 116 -20.89 -4.57 -17.28
CA SER D 116 -20.89 -4.57 -17.23
C SER D 116 -19.91 -5.75 -17.25
C SER D 116 -19.91 -5.76 -17.26
N ALA D 117 -20.42 -6.99 -17.14
CA ALA D 117 -19.59 -8.21 -16.96
C ALA D 117 -18.81 -8.53 -18.24
N VAL D 118 -17.62 -9.11 -18.08
CA VAL D 118 -16.78 -9.64 -19.18
C VAL D 118 -16.58 -11.15 -18.94
N GLU D 119 -15.96 -11.85 -19.88
CA GLU D 119 -15.84 -13.34 -19.85
C GLU D 119 -15.12 -13.79 -18.57
N THR D 120 -14.23 -12.96 -18.01
CA THR D 120 -13.43 -13.29 -16.81
C THR D 120 -14.10 -12.82 -15.52
N SER D 121 -15.28 -12.20 -15.60
CA SER D 121 -16.06 -11.76 -14.41
C SER D 121 -16.50 -12.98 -13.57
N LYS D 122 -17.06 -12.71 -12.39
CA LYS D 122 -17.64 -13.72 -11.48
C LYS D 122 -19.00 -13.20 -11.03
N PRO D 123 -19.88 -14.07 -10.49
CA PRO D 123 -21.13 -13.61 -9.87
C PRO D 123 -20.82 -12.59 -8.76
N LEU D 124 -21.75 -11.68 -8.50
CA LEU D 124 -21.55 -10.56 -7.54
C LEU D 124 -22.02 -10.98 -6.14
N PHE D 125 -23.16 -11.66 -6.01
CA PHE D 125 -23.78 -11.87 -4.68
C PHE D 125 -24.48 -13.22 -4.55
N GLY D 126 -24.51 -13.71 -3.31
CA GLY D 126 -25.41 -14.78 -2.84
C GLY D 126 -26.67 -14.17 -2.26
N GLU D 127 -27.73 -14.97 -2.13
CA GLU D 127 -29.03 -14.48 -1.63
C GLU D 127 -29.49 -15.40 -0.49
N HIS D 128 -29.93 -14.80 0.61
CA HIS D 128 -30.25 -15.49 1.87
C HIS D 128 -31.50 -14.88 2.48
N TYR D 129 -32.23 -15.67 3.28
CA TYR D 129 -33.53 -15.26 3.87
C TYR D 129 -33.51 -15.55 5.37
N VAL D 130 -33.98 -14.57 6.15
CA VAL D 130 -34.29 -14.74 7.59
C VAL D 130 -35.67 -14.15 7.83
N ARG D 131 -36.52 -14.88 8.54
CA ARG D 131 -37.83 -14.34 8.96
C ARG D 131 -37.64 -13.76 10.36
N VAL D 132 -37.91 -12.48 10.53
CA VAL D 132 -37.85 -11.78 11.84
C VAL D 132 -39.23 -11.17 12.08
N LYS D 133 -39.68 -11.15 13.34
CA LYS D 133 -41.05 -10.68 13.68
C LYS D 133 -41.01 -9.99 15.05
N SER D 134 -41.66 -8.84 15.18
CA SER D 134 -41.71 -8.09 16.47
C SER D 134 -42.99 -7.27 16.65
N TYR D 135 -43.76 -6.95 15.60
CA TYR D 135 -44.91 -6.00 15.72
C TYR D 135 -46.23 -6.74 15.91
N CYS D 136 -47.14 -6.09 16.64
CA CYS D 136 -48.58 -6.40 16.70
C CYS D 136 -49.34 -5.09 16.49
N ASN D 137 -50.30 -5.04 15.55
CA ASN D 137 -50.93 -3.77 15.12
C ASN D 137 -49.81 -2.84 14.68
N ASP D 138 -49.73 -1.63 15.24
CA ASP D 138 -48.76 -0.59 14.82
C ASP D 138 -47.65 -0.40 15.86
N GLN D 139 -47.40 -1.39 16.72
CA GLN D 139 -46.47 -1.24 17.87
C GLN D 139 -45.55 -2.46 17.98
N SER D 140 -44.27 -2.21 18.26
CA SER D 140 -43.26 -3.23 18.64
C SER D 140 -43.67 -3.89 19.96
N THR D 141 -43.61 -5.21 20.03
CA THR D 141 -43.75 -5.99 21.30
C THR D 141 -42.46 -5.85 22.14
N GLY D 142 -41.36 -5.39 21.53
CA GLY D 142 -40.05 -5.27 22.18
C GLY D 142 -39.31 -6.61 22.25
N THR D 143 -39.87 -7.66 21.65
CA THR D 143 -39.27 -9.02 21.55
C THR D 143 -39.10 -9.38 20.07
N LEU D 144 -37.90 -9.83 19.67
CA LEU D 144 -37.62 -10.22 18.27
C LEU D 144 -37.61 -11.75 18.15
N GLU D 145 -38.54 -12.29 17.36
CA GLU D 145 -38.52 -13.72 16.91
C GLU D 145 -37.65 -13.82 15.66
N ILE D 146 -36.70 -14.76 15.63
CA ILE D 146 -35.79 -15.03 14.48
C ILE D 146 -35.98 -16.48 14.04
N VAL D 147 -36.18 -16.72 12.73
CA VAL D 147 -36.22 -18.04 12.07
C VAL D 147 -35.31 -17.98 10.84
N SER D 148 -34.18 -18.70 10.86
CA SER D 148 -33.27 -18.85 9.69
C SER D 148 -32.67 -20.25 9.66
N GLU D 149 -32.26 -20.67 8.46
CA GLU D 149 -31.25 -21.73 8.28
C GLU D 149 -29.96 -21.26 8.98
N ASP D 150 -29.06 -22.21 9.22
CA ASP D 150 -27.72 -22.01 9.84
C ASP D 150 -26.96 -20.96 9.02
N LEU D 151 -26.62 -19.83 9.66
CA LEU D 151 -25.93 -18.68 9.01
C LEU D 151 -24.40 -18.81 9.08
N SER D 152 -23.88 -19.98 9.48
N SER D 152 -23.89 -19.98 9.49
CA SER D 152 -22.42 -20.26 9.58
CA SER D 152 -22.44 -20.31 9.57
C SER D 152 -21.77 -20.14 8.20
C SER D 152 -21.78 -20.16 8.20
N CYS D 153 -22.56 -20.35 7.13
CA CYS D 153 -22.12 -20.19 5.71
C CYS D 153 -21.68 -18.74 5.42
N LEU D 154 -22.05 -17.76 6.25
CA LEU D 154 -21.66 -16.33 6.07
C LEU D 154 -20.36 -16.01 6.79
N LYS D 155 -19.74 -16.99 7.47
CA LYS D 155 -18.43 -16.77 8.13
C LYS D 155 -17.43 -16.19 7.12
N GLY D 156 -16.80 -15.06 7.44
CA GLY D 156 -15.75 -14.43 6.61
C GLY D 156 -16.30 -13.79 5.34
N LYS D 157 -17.61 -13.58 5.25
CA LYS D 157 -18.27 -12.99 4.06
C LYS D 157 -18.63 -11.53 4.32
N HIS D 158 -18.70 -10.73 3.26
CA HIS D 158 -19.39 -9.41 3.26
C HIS D 158 -20.90 -9.67 3.24
N VAL D 159 -21.63 -9.14 4.20
CA VAL D 159 -23.10 -9.33 4.29
C VAL D 159 -23.78 -7.97 4.13
N LEU D 160 -24.81 -7.92 3.29
CA LEU D 160 -25.69 -6.74 3.13
C LEU D 160 -27.08 -7.15 3.63
N ILE D 161 -27.48 -6.60 4.76
CA ILE D 161 -28.86 -6.81 5.30
C ILE D 161 -29.79 -5.92 4.48
N VAL D 162 -30.91 -6.49 4.02
CA VAL D 162 -31.96 -5.75 3.28
C VAL D 162 -33.22 -5.73 4.16
N GLU D 163 -33.59 -4.53 4.60
CA GLU D 163 -34.70 -4.31 5.55
C GLU D 163 -35.66 -3.28 4.95
N ASP D 164 -36.96 -3.43 5.24
CA ASP D 164 -38.00 -2.52 4.72
C ASP D 164 -37.96 -1.17 5.45
N ILE D 165 -37.98 -1.18 6.79
CA ILE D 165 -38.14 0.09 7.56
C ILE D 165 -37.37 0.00 8.89
N ILE D 166 -36.70 1.10 9.21
CA ILE D 166 -36.16 1.36 10.58
C ILE D 166 -37.14 2.32 11.24
N ASP D 167 -37.62 1.95 12.43
CA ASP D 167 -38.62 2.74 13.19
C ASP D 167 -38.02 2.95 14.58
N THR D 168 -38.19 1.99 15.49
CA THR D 168 -37.55 2.03 16.84
C THR D 168 -36.06 1.75 16.72
N GLY D 169 -35.64 1.00 15.68
CA GLY D 169 -34.26 0.49 15.57
C GLY D 169 -34.04 -0.79 16.37
N LYS D 170 -35.08 -1.33 17.03
CA LYS D 170 -34.95 -2.53 17.90
C LYS D 170 -34.63 -3.77 17.06
N THR D 171 -35.29 -3.93 15.91
CA THR D 171 -35.08 -5.13 15.05
C THR D 171 -33.59 -5.22 14.69
N LEU D 172 -33.01 -4.15 14.14
CA LEU D 172 -31.64 -4.24 13.58
C LEU D 172 -30.58 -4.26 14.69
N VAL D 173 -30.78 -3.56 15.79
N VAL D 173 -30.79 -3.55 15.81
CA VAL D 173 -29.83 -3.62 16.93
CA VAL D 173 -29.81 -3.62 16.95
C VAL D 173 -29.78 -5.07 17.43
C VAL D 173 -29.77 -5.07 17.43
N LYS D 174 -30.93 -5.71 17.62
CA LYS D 174 -31.02 -7.10 18.13
C LYS D 174 -30.51 -8.07 17.06
N PHE D 175 -30.85 -7.88 15.79
CA PHE D 175 -30.42 -8.80 14.71
C PHE D 175 -28.90 -8.71 14.50
N CYS D 176 -28.32 -7.50 14.52
CA CYS D 176 -26.86 -7.32 14.33
C CYS D 176 -26.10 -7.94 15.51
N GLU D 177 -26.63 -7.85 16.73
CA GLU D 177 -26.05 -8.52 17.93
C GLU D 177 -26.05 -10.04 17.69
N TYR D 178 -27.16 -10.60 17.20
CA TYR D 178 -27.33 -12.04 16.89
C TYR D 178 -26.29 -12.48 15.84
N LEU D 179 -26.05 -11.67 14.81
CA LEU D 179 -25.13 -12.01 13.69
C LEU D 179 -23.67 -12.14 14.15
N LYS D 180 -23.27 -11.49 15.26
CA LYS D 180 -21.88 -11.48 15.77
C LYS D 180 -21.36 -12.92 15.95
N LYS D 181 -22.24 -13.87 16.28
CA LYS D 181 -21.81 -15.26 16.60
C LYS D 181 -21.32 -15.98 15.34
N PHE D 182 -21.63 -15.49 14.13
CA PHE D 182 -21.31 -16.20 12.86
C PHE D 182 -19.98 -15.70 12.27
N GLU D 183 -19.31 -14.74 12.91
CA GLU D 183 -17.93 -14.29 12.52
C GLU D 183 -17.93 -13.82 11.04
N ILE D 184 -18.90 -13.00 10.70
CA ILE D 184 -19.06 -12.39 9.35
C ILE D 184 -17.96 -11.33 9.18
N LYS D 185 -17.46 -11.12 7.97
CA LYS D 185 -16.33 -10.18 7.70
C LYS D 185 -16.83 -8.74 7.81
N THR D 186 -17.92 -8.38 7.11
CA THR D 186 -18.54 -7.04 7.23
C THR D 186 -20.06 -7.19 7.27
N VAL D 187 -20.71 -6.28 7.98
CA VAL D 187 -22.19 -6.16 7.97
C VAL D 187 -22.52 -4.72 7.55
N ALA D 188 -23.20 -4.59 6.42
CA ALA D 188 -23.74 -3.32 5.90
C ALA D 188 -25.26 -3.46 5.86
N ILE D 189 -25.98 -2.34 5.94
CA ILE D 189 -27.46 -2.33 5.99
C ILE D 189 -28.00 -1.45 4.85
N ALA D 190 -28.89 -2.02 4.04
CA ALA D 190 -29.73 -1.28 3.07
C ALA D 190 -31.16 -1.28 3.63
N CYS D 191 -31.77 -0.10 3.73
N CYS D 191 -31.78 -0.11 3.78
CA CYS D 191 -33.12 0.08 4.29
CA CYS D 191 -33.18 -0.02 4.26
C CYS D 191 -33.95 0.99 3.37
C CYS D 191 -33.95 0.95 3.37
N LEU D 192 -35.18 0.60 3.04
CA LEU D 192 -35.99 1.38 2.10
C LEU D 192 -36.49 2.66 2.78
N PHE D 193 -37.06 2.53 3.99
CA PHE D 193 -37.69 3.65 4.73
C PHE D 193 -37.02 3.81 6.10
N ILE D 194 -36.79 5.04 6.51
CA ILE D 194 -36.43 5.36 7.93
C ILE D 194 -37.44 6.40 8.42
N LYS D 195 -38.03 6.15 9.57
CA LYS D 195 -39.14 6.98 10.11
C LYS D 195 -38.58 8.02 11.10
N ARG D 196 -38.98 9.27 10.93
CA ARG D 196 -38.61 10.38 11.86
C ARG D 196 -39.48 10.27 13.11
N THR D 197 -39.15 9.34 13.99
CA THR D 197 -39.93 9.05 15.22
C THR D 197 -39.03 9.31 16.42
N PRO D 198 -39.58 9.91 17.50
CA PRO D 198 -38.81 10.08 18.73
C PRO D 198 -38.44 8.74 19.40
N LEU D 199 -39.05 7.62 19.00
CA LEU D 199 -38.78 6.27 19.58
C LEU D 199 -37.42 5.74 19.11
N TRP D 200 -36.87 6.32 18.04
CA TRP D 200 -35.66 5.80 17.34
C TRP D 200 -34.46 5.73 18.29
N ASN D 201 -33.75 4.60 18.29
CA ASN D 201 -32.58 4.32 19.17
C ASN D 201 -31.25 4.73 18.48
N GLY D 202 -31.31 5.35 17.30
CA GLY D 202 -30.12 5.89 16.62
C GLY D 202 -29.53 4.93 15.60
N PHE D 203 -30.07 3.73 15.42
CA PHE D 203 -29.55 2.75 14.45
C PHE D 203 -29.71 3.32 13.03
N LYS D 204 -28.59 3.47 12.31
CA LYS D 204 -28.54 4.03 10.94
C LYS D 204 -28.12 2.93 9.95
N ALA D 205 -28.77 2.97 8.78
CA ALA D 205 -28.41 2.11 7.64
C ALA D 205 -27.33 2.80 6.81
N ASP D 206 -26.67 2.02 5.96
CA ASP D 206 -25.57 2.48 5.08
C ASP D 206 -26.14 2.94 3.73
N PHE D 207 -27.26 2.38 3.30
CA PHE D 207 -27.98 2.74 2.06
C PHE D 207 -29.44 2.91 2.43
N VAL D 208 -30.00 4.12 2.24
CA VAL D 208 -31.38 4.45 2.69
C VAL D 208 -32.17 5.04 1.54
N GLY D 209 -33.37 4.52 1.29
CA GLY D 209 -34.26 5.01 0.23
C GLY D 209 -34.86 6.36 0.58
N PHE D 210 -35.68 6.41 1.65
CA PHE D 210 -36.55 7.55 2.01
C PHE D 210 -36.55 7.78 3.52
N SER D 211 -36.51 9.05 3.92
CA SER D 211 -36.87 9.49 5.29
C SER D 211 -38.34 9.91 5.28
N ILE D 212 -39.16 9.31 6.13
CA ILE D 212 -40.63 9.52 6.12
C ILE D 212 -41.09 10.07 7.46
N PRO D 213 -42.23 10.79 7.47
CA PRO D 213 -42.80 11.30 8.71
C PRO D 213 -43.30 10.18 9.64
N ASP D 214 -43.62 10.56 10.87
CA ASP D 214 -44.01 9.62 11.95
C ASP D 214 -45.47 9.22 11.78
N HIS D 215 -45.75 8.34 10.82
CA HIS D 215 -47.07 7.73 10.57
C HIS D 215 -46.84 6.26 10.20
N PHE D 216 -47.79 5.41 10.55
CA PHE D 216 -47.73 3.97 10.20
C PHE D 216 -48.08 3.82 8.72
N VAL D 217 -47.08 3.40 7.94
CA VAL D 217 -47.23 3.26 6.47
C VAL D 217 -47.60 1.80 6.18
N VAL D 218 -48.30 1.60 5.08
CA VAL D 218 -48.60 0.23 4.56
C VAL D 218 -48.36 0.26 3.05
N GLY D 219 -48.18 -0.93 2.47
CA GLY D 219 -47.98 -1.11 1.03
C GLY D 219 -46.53 -1.42 0.72
N TYR D 220 -46.27 -1.81 -0.52
CA TYR D 220 -44.92 -2.24 -1.00
C TYR D 220 -44.38 -3.30 -0.03
N SER D 221 -45.22 -4.28 0.32
CA SER D 221 -44.93 -5.47 1.18
C SER D 221 -45.05 -5.14 2.67
N LEU D 222 -45.17 -3.86 3.07
CA LEU D 222 -45.33 -3.49 4.51
C LEU D 222 -46.80 -3.70 4.91
N ASP D 223 -47.04 -4.44 5.98
CA ASP D 223 -48.41 -4.86 6.38
C ASP D 223 -48.90 -4.14 7.64
N TYR D 224 -50.22 -4.16 7.82
CA TYR D 224 -50.89 -4.01 9.13
C TYR D 224 -51.62 -5.33 9.40
N ASN D 225 -51.06 -6.14 10.31
CA ASN D 225 -51.60 -7.49 10.67
C ASN D 225 -51.86 -8.29 9.40
N GLU D 226 -50.86 -8.34 8.51
CA GLU D 226 -50.81 -9.15 7.26
C GLU D 226 -51.65 -8.53 6.14
N ILE D 227 -52.33 -7.41 6.37
CA ILE D 227 -53.14 -6.71 5.33
C ILE D 227 -52.27 -5.65 4.63
N PHE D 228 -52.55 -5.39 3.35
CA PHE D 228 -52.00 -4.27 2.54
C PHE D 228 -50.62 -4.59 1.96
N ARG D 229 -50.08 -5.80 2.09
CA ARG D 229 -48.75 -6.11 1.50
C ARG D 229 -48.80 -5.92 -0.03
N ASP D 230 -49.96 -6.19 -0.64
CA ASP D 230 -50.18 -6.19 -2.11
C ASP D 230 -50.41 -4.76 -2.62
N LEU D 231 -50.69 -3.81 -1.74
CA LEU D 231 -50.89 -2.39 -2.14
C LEU D 231 -49.57 -1.89 -2.74
N ASP D 232 -49.60 -1.40 -3.97
CA ASP D 232 -48.35 -1.10 -4.74
C ASP D 232 -47.69 0.18 -4.21
N HIS D 233 -48.47 1.09 -3.64
CA HIS D 233 -47.99 2.42 -3.17
C HIS D 233 -47.78 2.37 -1.66
N CYS D 234 -46.82 3.14 -1.16
CA CYS D 234 -46.64 3.41 0.28
C CYS D 234 -47.71 4.42 0.71
N CYS D 235 -48.67 3.99 1.53
CA CYS D 235 -49.87 4.78 1.92
C CYS D 235 -49.94 4.88 3.45
N LEU D 236 -50.68 5.88 3.94
CA LEU D 236 -51.01 5.97 5.38
C LEU D 236 -52.34 5.25 5.61
N VAL D 237 -52.33 4.27 6.51
CA VAL D 237 -53.57 3.56 6.94
C VAL D 237 -54.32 4.50 7.90
N ASN D 238 -55.64 4.63 7.74
CA ASN D 238 -56.45 5.56 8.57
C ASN D 238 -56.90 4.82 9.83
N ASP D 239 -57.56 5.52 10.75
CA ASP D 239 -57.99 4.96 12.06
C ASP D 239 -59.03 3.87 11.83
N GLU D 240 -59.88 4.01 10.81
CA GLU D 240 -60.92 3.00 10.46
C GLU D 240 -60.21 1.70 10.05
N GLY D 241 -59.13 1.79 9.28
CA GLY D 241 -58.33 0.61 8.88
C GLY D 241 -57.68 -0.03 10.07
N LYS D 242 -57.10 0.77 10.98
CA LYS D 242 -56.39 0.26 12.18
C LYS D 242 -57.41 -0.48 13.05
N LYS D 243 -58.65 0.03 13.13
CA LYS D 243 -59.72 -0.58 13.94
C LYS D 243 -60.21 -1.86 13.27
N LYS D 244 -60.55 -1.79 11.98
CA LYS D 244 -61.08 -2.93 11.18
C LYS D 244 -60.14 -4.14 11.29
N TYR D 245 -58.83 -3.93 11.14
CA TYR D 245 -57.84 -5.02 10.97
C TYR D 245 -57.02 -5.23 12.26
N LYS D 246 -57.45 -4.64 13.38
CA LYS D 246 -56.80 -4.80 14.72
C LYS D 246 -56.70 -6.29 15.04
N ALA D 247 -55.58 -6.72 15.64
CA ALA D 247 -55.31 -8.13 16.00
C ALA D 247 -56.31 -8.56 17.09
N THR D 248 -56.95 -9.72 16.89
CA THR D 248 -58.06 -10.26 17.72
C THR D 248 -57.67 -11.66 18.22
#